data_5BRF
#
_entry.id   5BRF
#
_cell.length_a   68.114
_cell.length_b   80.016
_cell.length_c   75.797
_cell.angle_alpha   90.000
_cell.angle_beta   95.050
_cell.angle_gamma   90.000
#
_symmetry.space_group_name_H-M   'P 1 21 1'
#
loop_
_entity.id
_entity.type
_entity.pdbx_description
1 polymer 'Glucokinase 1, putative'
2 non-polymer 2-deoxy-2-{[3-(4-hydroxyphenyl)propanoyl]amino}-alpha-D-glucopyranose
3 water water
#
_entity_poly.entity_id   1
_entity_poly.type   'polypeptide(L)'
_entity_poly.pdbx_seq_one_letter_code
;MGRGSHHHHHHGMAMNIKELSLHELCEELKTPAWNVPLTFVGDVGGTSARMGFVREGKNDSVHACVTRYSMKRKDITELI
EFFNEIIELMPASVIKRVKAGVINVPGPVTGGAVGGPFNNLKGIARLSDYPKALFPPGRSAILNDLEAGGFGVLAVSDAH
VFSEYFGVMWEGTQWRTCEQEPAGSVIGRGRCLVLAPGTGLGSSLIYYNPMNQQHIVVPLELGSQTIPMRKDIDYIQTLH
AELKLLPNYENMVSGAGLEFHYRQVVRGSRPPCSAGEIAKLASEGDANACKAMKKYHEYLMRVGSEASMALLPLTIVLVG
DNIVNNAFFYRNPQNLKEMHREALNHEMERFGFQSRVTYLRQKKLLNLNLMGCYRCGLDLS
;
_entity_poly.pdbx_strand_id   A,B
#
# COMPACT_ATOMS: atom_id res chain seq x y z
N MET A 15 -26.59 6.01 -11.37
CA MET A 15 -26.36 4.91 -10.43
C MET A 15 -27.69 4.36 -9.90
N ASN A 16 -28.10 3.19 -10.40
CA ASN A 16 -29.40 2.61 -10.02
C ASN A 16 -29.32 1.15 -9.60
N ILE A 17 -29.84 0.87 -8.41
CA ILE A 17 -29.87 -0.49 -7.89
C ILE A 17 -31.29 -0.74 -7.44
N LYS A 18 -31.90 -1.81 -7.97
CA LYS A 18 -33.20 -2.22 -7.48
C LYS A 18 -33.07 -3.59 -6.85
N GLU A 19 -33.74 -3.74 -5.70
CA GLU A 19 -33.67 -4.98 -4.93
C GLU A 19 -35.02 -5.68 -5.03
N LEU A 20 -34.99 -6.92 -5.50
CA LEU A 20 -36.19 -7.64 -5.89
C LEU A 20 -36.16 -9.05 -5.33
N SER A 21 -37.32 -9.67 -5.19
CA SER A 21 -37.37 -11.08 -4.87
C SER A 21 -36.81 -11.81 -6.07
N LEU A 22 -36.33 -13.03 -5.85
CA LEU A 22 -35.77 -13.86 -6.91
C LEU A 22 -36.72 -14.05 -8.08
N HIS A 23 -38.03 -14.03 -7.81
CA HIS A 23 -39.04 -14.20 -8.85
C HIS A 23 -39.17 -12.93 -9.71
N GLU A 24 -39.39 -11.79 -9.05
CA GLU A 24 -39.46 -10.50 -9.75
C GLU A 24 -38.15 -10.25 -10.51
N LEU A 25 -37.04 -10.71 -9.94
CA LEU A 25 -35.74 -10.63 -10.61
C LEU A 25 -35.80 -11.34 -11.95
N CYS A 26 -36.29 -12.57 -11.93
CA CYS A 26 -36.39 -13.39 -13.14
C CYS A 26 -37.24 -12.71 -14.20
N GLU A 27 -38.33 -12.09 -13.78
CA GLU A 27 -39.22 -11.42 -14.71
C GLU A 27 -38.62 -10.13 -15.26
N GLU A 28 -37.91 -9.39 -14.42
CA GLU A 28 -37.27 -8.15 -14.87
C GLU A 28 -36.25 -8.42 -16.00
N LEU A 29 -35.52 -9.52 -15.88
CA LEU A 29 -34.47 -9.86 -16.85
C LEU A 29 -35.00 -10.32 -18.21
N LYS A 30 -36.32 -10.55 -18.31
CA LYS A 30 -36.94 -10.96 -19.57
C LYS A 30 -37.48 -9.74 -20.31
N THR A 31 -37.42 -8.59 -19.65
CA THR A 31 -37.89 -7.34 -20.24
C THR A 31 -36.85 -6.76 -21.19
N PRO A 32 -37.31 -6.13 -22.28
CA PRO A 32 -36.48 -5.50 -23.32
C PRO A 32 -35.24 -4.72 -22.84
N ALA A 33 -35.35 -3.95 -21.75
CA ALA A 33 -34.23 -3.15 -21.26
C ALA A 33 -33.04 -4.01 -20.83
N TRP A 34 -33.32 -5.27 -20.50
CA TRP A 34 -32.29 -6.21 -20.04
C TRP A 34 -31.87 -7.16 -21.14
N ASN A 35 -32.33 -6.89 -22.35
CA ASN A 35 -31.95 -7.64 -23.53
C ASN A 35 -30.59 -7.14 -24.02
N VAL A 36 -29.54 -7.51 -23.29
CA VAL A 36 -28.25 -6.86 -23.42
C VAL A 36 -27.20 -7.67 -22.64
N PRO A 37 -25.92 -7.60 -23.04
CA PRO A 37 -24.86 -8.25 -22.25
C PRO A 37 -24.93 -7.91 -20.75
N LEU A 38 -24.74 -8.93 -19.91
CA LEU A 38 -24.92 -8.78 -18.47
C LEU A 38 -23.63 -9.08 -17.71
N THR A 39 -23.49 -8.47 -16.53
CA THR A 39 -22.41 -8.82 -15.61
C THR A 39 -23.03 -9.40 -14.37
N PHE A 40 -22.69 -10.63 -14.03
CA PHE A 40 -23.17 -11.15 -12.76
C PHE A 40 -22.35 -10.56 -11.61
N VAL A 41 -23.04 -10.05 -10.60
CA VAL A 41 -22.37 -9.46 -9.44
C VAL A 41 -22.91 -10.00 -8.12
N GLY A 42 -22.10 -9.88 -7.07
CA GLY A 42 -22.49 -10.32 -5.74
C GLY A 42 -21.74 -9.59 -4.65
N ASP A 43 -22.48 -8.92 -3.77
CA ASP A 43 -21.90 -8.26 -2.61
C ASP A 43 -22.21 -9.10 -1.38
N VAL A 44 -21.23 -9.89 -0.93
CA VAL A 44 -21.43 -10.87 0.15
C VAL A 44 -20.95 -10.35 1.50
N GLY A 45 -21.83 -10.33 2.50
CA GLY A 45 -21.45 -9.89 3.83
C GLY A 45 -21.54 -11.03 4.82
N GLY A 46 -21.33 -10.74 6.11
CA GLY A 46 -21.36 -11.78 7.13
C GLY A 46 -22.75 -12.31 7.44
N THR A 47 -23.77 -11.49 7.20
CA THR A 47 -25.16 -11.83 7.50
C THR A 47 -25.98 -12.04 6.23
N SER A 48 -25.71 -11.23 5.21
CA SER A 48 -26.44 -11.35 3.96
C SER A 48 -25.59 -11.14 2.70
N ALA A 49 -26.12 -11.56 1.57
CA ALA A 49 -25.50 -11.33 0.27
C ALA A 49 -26.54 -10.72 -0.66
N ARG A 50 -26.13 -9.72 -1.43
CA ARG A 50 -26.95 -9.23 -2.53
C ARG A 50 -26.31 -9.63 -3.85
N MET A 51 -27.06 -10.40 -4.63
CA MET A 51 -26.55 -10.93 -5.88
C MET A 51 -27.57 -10.63 -6.98
N GLY A 52 -27.07 -10.40 -8.19
CA GLY A 52 -27.95 -10.04 -9.30
C GLY A 52 -27.18 -9.72 -10.57
N PHE A 53 -27.70 -8.81 -11.36
CA PHE A 53 -27.13 -8.52 -12.67
C PHE A 53 -27.05 -7.04 -12.87
N VAL A 54 -26.03 -6.59 -13.62
CA VAL A 54 -25.77 -5.17 -13.83
C VAL A 54 -25.59 -4.88 -15.31
N ARG A 55 -26.08 -3.73 -15.78
CA ARG A 55 -25.95 -3.33 -17.18
C ARG A 55 -25.73 -1.82 -17.29
N GLU A 56 -25.26 -1.37 -18.45
CA GLU A 56 -25.02 0.06 -18.69
C GLU A 56 -26.26 0.81 -19.16
N ASP A 60 -24.61 7.54 -19.33
CA ASP A 60 -23.55 6.86 -18.59
C ASP A 60 -24.04 6.23 -17.29
N SER A 61 -25.32 5.88 -17.22
CA SER A 61 -25.90 5.36 -15.99
C SER A 61 -25.65 3.86 -15.82
N VAL A 62 -25.62 3.42 -14.56
CA VAL A 62 -25.45 2.02 -14.27
C VAL A 62 -26.76 1.49 -13.67
N HIS A 63 -27.17 0.31 -14.14
CA HIS A 63 -28.43 -0.29 -13.70
C HIS A 63 -28.24 -1.72 -13.17
N ALA A 64 -28.43 -1.89 -11.86
CA ALA A 64 -28.35 -3.20 -11.23
C ALA A 64 -29.72 -3.65 -10.73
N CYS A 65 -30.00 -4.94 -10.88
CA CYS A 65 -31.15 -5.52 -10.23
C CYS A 65 -30.69 -6.75 -9.46
N VAL A 66 -30.92 -6.73 -8.15
CA VAL A 66 -30.39 -7.78 -7.29
C VAL A 66 -31.43 -8.36 -6.37
N THR A 67 -31.13 -9.54 -5.84
CA THR A 67 -31.96 -10.18 -4.84
C THR A 67 -31.11 -10.44 -3.60
N ARG A 68 -31.75 -10.43 -2.42
CA ARG A 68 -31.03 -10.61 -1.15
C ARG A 68 -31.09 -12.06 -0.67
N TYR A 69 -29.94 -12.60 -0.27
CA TYR A 69 -29.88 -13.93 0.34
C TYR A 69 -29.43 -13.80 1.79
N SER A 70 -29.90 -14.70 2.66
CA SER A 70 -29.40 -14.74 4.03
C SER A 70 -28.27 -15.75 4.10
N MET A 71 -27.18 -15.38 4.76
CA MET A 71 -26.07 -16.30 5.03
C MET A 71 -26.37 -17.06 6.31
N LYS A 72 -27.49 -17.77 6.34
CA LYS A 72 -27.96 -18.44 7.55
C LYS A 72 -26.95 -19.47 8.07
N ARG A 73 -26.38 -20.26 7.16
CA ARG A 73 -25.41 -21.25 7.57
C ARG A 73 -24.05 -20.65 7.97
N LYS A 74 -23.94 -19.31 7.90
CA LYS A 74 -22.70 -18.60 8.23
C LYS A 74 -21.47 -19.25 7.59
N ASP A 75 -21.64 -19.71 6.36
CA ASP A 75 -20.59 -20.44 5.67
C ASP A 75 -20.49 -19.98 4.23
N ILE A 76 -19.26 -19.59 3.84
CA ILE A 76 -19.04 -18.97 2.54
C ILE A 76 -19.30 -19.92 1.37
N THR A 77 -19.26 -21.22 1.61
CA THR A 77 -19.50 -22.17 0.53
C THR A 77 -20.98 -22.19 0.12
N GLU A 78 -21.85 -21.63 0.96
CA GLU A 78 -23.28 -21.58 0.68
C GLU A 78 -23.61 -20.80 -0.60
N LEU A 79 -22.67 -19.95 -1.04
CA LEU A 79 -22.84 -19.16 -2.26
C LEU A 79 -23.02 -20.04 -3.51
N ILE A 80 -22.29 -21.16 -3.53
CA ILE A 80 -22.38 -22.14 -4.60
C ILE A 80 -23.82 -22.62 -4.77
N GLU A 81 -24.51 -22.85 -3.65
CA GLU A 81 -25.91 -23.25 -3.70
C GLU A 81 -26.77 -22.14 -4.30
N PHE A 82 -26.43 -20.88 -3.98
CA PHE A 82 -27.21 -19.74 -4.46
C PHE A 82 -27.04 -19.57 -5.97
N PHE A 83 -25.80 -19.71 -6.45
CA PHE A 83 -25.50 -19.59 -7.87
C PHE A 83 -26.29 -20.62 -8.67
N ASN A 84 -26.26 -21.86 -8.20
CA ASN A 84 -27.05 -22.94 -8.78
C ASN A 84 -28.51 -22.56 -8.92
N GLU A 85 -29.13 -22.16 -7.81
CA GLU A 85 -30.52 -21.71 -7.81
C GLU A 85 -30.81 -20.74 -8.96
N ILE A 86 -29.99 -19.70 -9.08
CA ILE A 86 -30.14 -18.72 -10.16
C ILE A 86 -30.08 -19.35 -11.55
N ILE A 87 -29.09 -20.21 -11.78
CA ILE A 87 -28.90 -20.86 -13.08
C ILE A 87 -30.09 -21.74 -13.48
N GLU A 88 -30.63 -22.49 -12.53
CA GLU A 88 -31.80 -23.34 -12.76
C GLU A 88 -33.07 -22.51 -12.96
N LEU A 89 -33.20 -21.47 -12.15
CA LEU A 89 -34.43 -20.66 -12.11
C LEU A 89 -34.48 -19.58 -13.19
N MET A 90 -33.33 -19.30 -13.79
CA MET A 90 -33.27 -18.26 -14.82
C MET A 90 -33.28 -18.91 -16.21
N PRO A 91 -34.00 -18.30 -17.14
CA PRO A 91 -34.00 -18.78 -18.54
C PRO A 91 -32.59 -18.78 -19.12
N ALA A 92 -32.28 -19.76 -19.96
CA ALA A 92 -30.98 -19.85 -20.62
C ALA A 92 -30.71 -18.62 -21.48
N SER A 93 -31.77 -18.01 -21.98
CA SER A 93 -31.67 -16.82 -22.82
C SER A 93 -30.98 -15.69 -22.08
N VAL A 94 -31.31 -15.55 -20.79
CA VAL A 94 -30.70 -14.57 -19.90
C VAL A 94 -29.27 -14.93 -19.49
N ILE A 95 -29.11 -16.13 -18.94
CA ILE A 95 -27.81 -16.66 -18.54
C ILE A 95 -26.73 -16.57 -19.62
N LYS A 96 -27.13 -16.70 -20.89
CA LYS A 96 -26.16 -16.68 -21.99
C LYS A 96 -25.67 -15.27 -22.29
N ARG A 97 -26.36 -14.26 -21.75
CA ARG A 97 -25.93 -12.87 -21.92
C ARG A 97 -24.81 -12.49 -20.95
N VAL A 98 -24.53 -13.37 -19.99
CA VAL A 98 -23.54 -13.05 -18.96
C VAL A 98 -22.14 -13.00 -19.54
N LYS A 99 -21.58 -11.80 -19.61
CA LYS A 99 -20.21 -11.60 -20.13
C LYS A 99 -19.11 -11.64 -19.05
N ALA A 100 -19.49 -11.48 -17.79
CA ALA A 100 -18.51 -11.39 -16.71
C ALA A 100 -19.18 -11.66 -15.37
N GLY A 101 -18.41 -12.16 -14.40
CA GLY A 101 -18.93 -12.48 -13.09
C GLY A 101 -17.97 -12.07 -11.98
N VAL A 102 -18.34 -11.07 -11.20
CA VAL A 102 -17.48 -10.57 -10.13
C VAL A 102 -18.23 -10.48 -8.80
N ILE A 103 -17.72 -11.15 -7.77
CA ILE A 103 -18.29 -10.95 -6.44
C ILE A 103 -17.25 -10.39 -5.47
N ASN A 104 -17.71 -9.87 -4.33
CA ASN A 104 -16.81 -9.50 -3.24
C ASN A 104 -17.17 -10.20 -1.93
N VAL A 105 -16.14 -10.49 -1.12
CA VAL A 105 -16.33 -11.19 0.15
C VAL A 105 -15.65 -10.42 1.30
N PRO A 106 -16.13 -10.60 2.54
CA PRO A 106 -15.66 -9.75 3.66
C PRO A 106 -14.36 -10.20 4.30
N GLY A 107 -13.36 -10.56 3.48
CA GLY A 107 -12.08 -11.02 3.99
C GLY A 107 -11.04 -10.89 2.90
N PRO A 108 -9.75 -11.13 3.25
CA PRO A 108 -8.65 -11.04 2.28
C PRO A 108 -8.84 -12.01 1.11
N VAL A 109 -8.50 -11.58 -0.10
CA VAL A 109 -8.61 -12.47 -1.26
C VAL A 109 -7.27 -12.56 -1.98
N THR A 110 -6.86 -13.76 -2.39
CA THR A 110 -5.59 -13.91 -3.09
C THR A 110 -5.81 -14.34 -4.55
N GLY A 111 -5.08 -13.71 -5.47
CA GLY A 111 -5.20 -14.02 -6.89
C GLY A 111 -6.58 -13.81 -7.48
N GLY A 112 -7.41 -13.01 -6.82
CA GLY A 112 -8.80 -12.81 -7.27
C GLY A 112 -9.58 -14.11 -7.38
N ALA A 113 -9.14 -15.15 -6.66
CA ALA A 113 -9.64 -16.51 -6.84
C ALA A 113 -9.85 -17.30 -5.54
N VAL A 114 -9.11 -16.94 -4.48
CA VAL A 114 -9.26 -17.62 -3.19
C VAL A 114 -9.45 -16.63 -2.05
N GLY A 115 -10.65 -16.58 -1.48
CA GLY A 115 -10.93 -15.69 -0.36
C GLY A 115 -11.10 -16.41 0.96
N GLY A 116 -10.52 -15.84 2.03
CA GLY A 116 -10.44 -16.50 3.31
C GLY A 116 -9.09 -16.27 3.98
N PRO A 117 -9.02 -16.44 5.31
CA PRO A 117 -10.10 -16.87 6.20
C PRO A 117 -11.01 -15.70 6.56
N PHE A 118 -12.27 -15.97 6.91
CA PHE A 118 -13.19 -14.90 7.27
C PHE A 118 -13.42 -14.78 8.79
N ASN A 119 -13.67 -13.57 9.28
CA ASN A 119 -13.90 -13.34 10.71
C ASN A 119 -15.27 -13.87 11.14
N ASN A 120 -16.26 -13.72 10.28
CA ASN A 120 -17.64 -14.01 10.64
C ASN A 120 -18.30 -15.10 9.80
N LEU A 121 -17.51 -15.77 8.98
CA LEU A 121 -18.02 -16.88 8.17
C LEU A 121 -16.97 -17.97 8.20
N LYS A 122 -17.38 -19.20 7.89
CA LYS A 122 -16.39 -20.27 7.79
C LYS A 122 -16.20 -20.68 6.34
N GLY A 123 -15.11 -21.42 6.11
CA GLY A 123 -14.81 -21.92 4.79
C GLY A 123 -14.02 -20.94 3.96
N ILE A 124 -13.71 -21.34 2.74
CA ILE A 124 -12.92 -20.55 1.83
C ILE A 124 -13.70 -20.37 0.55
N ALA A 125 -13.79 -19.14 0.06
CA ALA A 125 -14.43 -18.87 -1.23
C ALA A 125 -13.46 -19.25 -2.33
N ARG A 126 -13.86 -20.18 -3.20
CA ARG A 126 -13.00 -20.58 -4.32
C ARG A 126 -13.69 -20.37 -5.66
N LEU A 127 -13.13 -19.46 -6.47
CA LEU A 127 -13.67 -19.19 -7.81
C LEU A 127 -13.74 -20.44 -8.69
N SER A 128 -12.79 -21.36 -8.52
CA SER A 128 -12.75 -22.57 -9.35
C SER A 128 -13.94 -23.51 -9.08
N ASP A 129 -14.50 -23.43 -7.87
CA ASP A 129 -15.70 -24.20 -7.52
C ASP A 129 -17.00 -23.48 -7.87
N TYR A 130 -16.92 -22.40 -8.64
CA TYR A 130 -18.10 -21.63 -9.04
C TYR A 130 -18.53 -22.03 -10.46
N PRO A 131 -19.85 -21.96 -10.74
CA PRO A 131 -20.41 -22.34 -12.05
C PRO A 131 -20.11 -21.33 -13.16
N LYS A 132 -19.48 -21.81 -14.23
CA LYS A 132 -18.98 -20.94 -15.30
C LYS A 132 -20.08 -20.20 -16.05
N ALA A 133 -21.32 -20.62 -15.85
CA ALA A 133 -22.46 -19.94 -16.46
C ALA A 133 -22.55 -18.51 -15.96
N LEU A 134 -22.25 -18.30 -14.68
CA LEU A 134 -22.27 -16.96 -14.07
C LEU A 134 -20.86 -16.39 -13.97
N PHE A 135 -19.86 -17.27 -13.97
CA PHE A 135 -18.48 -16.81 -13.93
C PHE A 135 -17.69 -17.30 -15.15
N PRO A 136 -17.81 -16.57 -16.27
CA PRO A 136 -17.11 -16.96 -17.51
C PRO A 136 -15.58 -17.01 -17.32
N PRO A 137 -14.92 -18.05 -17.86
CA PRO A 137 -13.46 -18.19 -17.72
C PRO A 137 -12.75 -16.97 -18.28
N GLY A 138 -11.73 -16.48 -17.55
CA GLY A 138 -10.98 -15.32 -18.01
C GLY A 138 -11.69 -13.98 -17.86
N ARG A 139 -12.93 -14.00 -17.39
CA ARG A 139 -13.68 -12.75 -17.19
C ARG A 139 -14.34 -12.72 -15.80
N SER A 140 -13.69 -13.37 -14.84
CA SER A 140 -14.28 -13.53 -13.53
C SER A 140 -13.30 -13.23 -12.40
N ALA A 141 -13.83 -12.79 -11.26
CA ALA A 141 -13.00 -12.40 -10.13
C ALA A 141 -13.76 -12.42 -8.84
N ILE A 142 -13.07 -12.79 -7.77
CA ILE A 142 -13.55 -12.57 -6.43
C ILE A 142 -12.76 -11.38 -5.86
N LEU A 143 -13.44 -10.36 -5.36
CA LEU A 143 -12.79 -9.19 -4.77
C LEU A 143 -12.90 -9.18 -3.24
N ASN A 144 -12.01 -8.47 -2.57
CA ASN A 144 -12.25 -8.10 -1.18
C ASN A 144 -13.36 -7.02 -1.18
N ASP A 145 -14.20 -7.02 -0.15
CA ASP A 145 -15.28 -6.04 -0.08
C ASP A 145 -14.82 -4.60 -0.29
N LEU A 146 -13.70 -4.20 0.31
CA LEU A 146 -13.25 -2.81 0.14
C LEU A 146 -12.46 -2.62 -1.16
N GLU A 147 -11.99 -3.71 -1.75
CA GLU A 147 -11.48 -3.65 -3.12
C GLU A 147 -12.64 -3.36 -4.08
N ALA A 148 -13.77 -4.03 -3.90
CA ALA A 148 -14.97 -3.70 -4.69
C ALA A 148 -15.46 -2.27 -4.40
N GLY A 149 -15.43 -1.89 -3.13
CA GLY A 149 -15.81 -0.54 -2.76
C GLY A 149 -14.96 0.51 -3.46
N GLY A 150 -13.65 0.25 -3.53
CA GLY A 150 -12.73 1.14 -4.25
C GLY A 150 -13.08 1.25 -5.72
N PHE A 151 -13.29 0.11 -6.37
CA PHE A 151 -13.82 0.12 -7.73
C PHE A 151 -15.14 0.90 -7.79
N GLY A 152 -15.91 0.85 -6.70
CA GLY A 152 -17.19 1.53 -6.62
C GLY A 152 -17.05 3.04 -6.64
N VAL A 153 -16.08 3.51 -5.84
CA VAL A 153 -15.72 4.92 -5.81
C VAL A 153 -15.32 5.41 -7.21
N LEU A 154 -14.59 4.57 -7.93
CA LEU A 154 -14.17 4.94 -9.28
C LEU A 154 -15.38 5.04 -10.22
N ALA A 155 -16.36 4.15 -10.05
CA ALA A 155 -17.54 4.12 -10.91
C ALA A 155 -18.40 5.36 -10.70
N VAL A 156 -18.36 5.90 -9.49
CA VAL A 156 -19.08 7.12 -9.18
C VAL A 156 -18.38 8.27 -9.89
N SER A 157 -17.06 8.33 -9.73
CA SER A 157 -16.24 9.33 -10.42
C SER A 157 -16.44 9.26 -11.93
N ASP A 158 -16.44 8.04 -12.48
CA ASP A 158 -16.57 7.80 -13.92
C ASP A 158 -17.93 8.25 -14.48
N ALA A 159 -18.92 8.32 -13.61
CA ALA A 159 -20.26 8.75 -13.99
C ALA A 159 -20.47 10.22 -13.66
N HIS A 160 -19.37 10.96 -13.45
CA HIS A 160 -19.41 12.42 -13.19
C HIS A 160 -20.32 12.84 -12.04
N VAL A 161 -20.43 12.00 -11.02
CA VAL A 161 -21.46 12.19 -10.01
C VAL A 161 -20.87 12.12 -8.58
N PHE A 162 -19.59 12.44 -8.47
CA PHE A 162 -18.87 12.33 -7.21
C PHE A 162 -19.48 13.23 -6.15
N SER A 163 -19.76 14.46 -6.56
CA SER A 163 -20.32 15.47 -5.66
C SER A 163 -21.71 15.07 -5.17
N GLU A 164 -22.39 14.17 -5.87
CA GLU A 164 -23.70 13.73 -5.39
C GLU A 164 -23.55 12.74 -4.22
N TYR A 165 -22.43 12.01 -4.15
CA TYR A 165 -22.27 10.97 -3.12
C TYR A 165 -21.21 11.26 -2.06
N PHE A 166 -20.28 12.16 -2.35
CA PHE A 166 -19.23 12.45 -1.36
C PHE A 166 -19.16 13.92 -1.00
N GLY A 167 -19.05 14.20 0.29
CA GLY A 167 -18.94 15.55 0.79
C GLY A 167 -17.57 15.77 1.38
N VAL A 168 -17.04 16.97 1.22
CA VAL A 168 -15.72 17.32 1.76
C VAL A 168 -15.85 17.50 3.27
N MET A 169 -14.95 16.87 4.04
CA MET A 169 -14.92 17.14 5.47
C MET A 169 -13.93 18.28 5.73
N TRP A 170 -12.76 18.20 5.09
CA TRP A 170 -11.85 19.35 5.04
C TRP A 170 -10.93 19.19 3.86
N GLU A 171 -10.54 20.31 3.25
CA GLU A 171 -9.73 20.27 2.07
C GLU A 171 -8.28 20.30 2.48
N GLY A 172 -7.49 19.42 1.87
CA GLY A 172 -6.07 19.37 2.16
C GLY A 172 -5.28 20.34 1.31
N THR A 173 -4.06 20.55 1.75
CA THR A 173 -3.10 21.45 1.14
C THR A 173 -2.77 21.09 -0.32
N GLN A 174 -2.79 19.80 -0.64
CA GLN A 174 -2.28 19.34 -1.92
C GLN A 174 -3.33 19.39 -3.03
N TRP A 175 -4.61 19.44 -2.67
CA TRP A 175 -5.66 19.41 -3.68
C TRP A 175 -5.48 20.47 -4.79
N ARG A 176 -5.42 21.74 -4.40
CA ARG A 176 -5.29 22.84 -5.36
C ARG A 176 -4.00 22.76 -6.20
N THR A 177 -2.98 22.11 -5.65
CA THR A 177 -1.73 21.87 -6.38
C THR A 177 -1.93 20.87 -7.52
N CYS A 178 -2.91 19.99 -7.38
CA CYS A 178 -3.16 18.90 -8.36
C CYS A 178 -4.41 19.12 -9.20
N GLU A 179 -5.35 19.91 -8.67
CA GLU A 179 -6.67 20.04 -9.27
C GLU A 179 -7.15 21.49 -9.24
N GLN A 180 -7.75 21.91 -10.34
CA GLN A 180 -8.28 23.26 -10.48
C GLN A 180 -9.75 23.26 -10.04
N GLU A 181 -10.44 22.16 -10.29
CA GLU A 181 -11.83 22.00 -9.87
C GLU A 181 -11.99 21.90 -8.34
N PRO A 182 -13.21 22.13 -7.84
CA PRO A 182 -13.46 22.08 -6.39
C PRO A 182 -13.23 20.69 -5.77
N ALA A 183 -12.72 20.69 -4.54
CA ALA A 183 -12.61 19.46 -3.75
C ALA A 183 -13.93 18.72 -3.71
N GLY A 184 -13.91 17.40 -3.89
CA GLY A 184 -15.13 16.63 -3.80
C GLY A 184 -15.92 16.52 -5.10
N SER A 185 -15.44 17.18 -6.15
CA SER A 185 -16.16 17.21 -7.43
C SER A 185 -15.66 16.11 -8.35
N VAL A 186 -14.42 15.68 -8.14
CA VAL A 186 -13.84 14.52 -8.82
C VAL A 186 -12.97 13.74 -7.83
N ILE A 187 -12.70 12.47 -8.11
CA ILE A 187 -11.82 11.66 -7.26
C ILE A 187 -10.45 12.29 -7.17
N GLY A 188 -9.98 12.85 -8.29
CA GLY A 188 -8.71 13.56 -8.32
C GLY A 188 -7.59 12.67 -8.83
N ARG A 189 -6.62 13.31 -9.48
CA ARG A 189 -5.50 12.59 -10.07
C ARG A 189 -4.41 12.37 -9.02
N GLY A 190 -4.72 11.48 -8.07
CA GLY A 190 -3.86 11.21 -6.95
C GLY A 190 -4.42 10.00 -6.20
N ARG A 191 -3.61 9.40 -5.34
CA ARG A 191 -4.02 8.24 -4.55
C ARG A 191 -5.20 8.58 -3.65
N CYS A 192 -6.18 7.68 -3.61
CA CYS A 192 -7.37 7.82 -2.76
C CYS A 192 -7.46 6.64 -1.79
N LEU A 193 -7.27 6.91 -0.50
CA LEU A 193 -7.38 5.86 0.50
C LEU A 193 -8.81 5.75 1.01
N VAL A 194 -9.42 4.59 0.76
CA VAL A 194 -10.81 4.34 1.14
C VAL A 194 -10.83 3.62 2.49
N LEU A 195 -11.54 4.20 3.46
CA LEU A 195 -11.70 3.57 4.78
C LEU A 195 -13.19 3.32 5.03
N ALA A 196 -13.53 2.12 5.47
CA ALA A 196 -14.94 1.80 5.75
C ALA A 196 -15.13 1.25 7.16
N PRO A 197 -15.41 2.14 8.11
CA PRO A 197 -15.62 1.70 9.50
C PRO A 197 -17.06 1.17 9.68
N GLY A 198 -17.24 -0.14 9.50
CA GLY A 198 -18.52 -0.78 9.67
C GLY A 198 -18.37 -1.98 10.61
N THR A 199 -19.01 -3.09 10.26
CA THR A 199 -18.86 -4.34 11.01
C THR A 199 -17.37 -4.56 11.24
N GLY A 200 -16.62 -4.65 10.14
CA GLY A 200 -15.17 -4.66 10.23
C GLY A 200 -14.65 -3.32 9.72
N LEU A 201 -13.39 -3.01 10.03
CA LEU A 201 -12.78 -1.79 9.54
C LEU A 201 -12.13 -2.06 8.19
N GLY A 202 -12.80 -1.69 7.10
CA GLY A 202 -12.22 -1.94 5.77
C GLY A 202 -11.34 -0.82 5.25
N SER A 203 -10.39 -1.18 4.39
CA SER A 203 -9.48 -0.22 3.78
C SER A 203 -9.07 -0.70 2.39
N SER A 204 -8.89 0.25 1.45
CA SER A 204 -8.25 -0.04 0.18
C SER A 204 -7.55 1.21 -0.33
N LEU A 205 -6.51 1.01 -1.15
CA LEU A 205 -5.81 2.16 -1.71
C LEU A 205 -6.11 2.23 -3.21
N ILE A 206 -6.75 3.30 -3.64
CA ILE A 206 -6.93 3.49 -5.07
C ILE A 206 -5.66 4.20 -5.54
N TYR A 207 -4.65 3.43 -5.91
CA TYR A 207 -3.37 4.00 -6.31
C TYR A 207 -3.56 4.76 -7.63
N TYR A 208 -2.73 5.77 -7.86
CA TYR A 208 -2.77 6.53 -9.12
C TYR A 208 -1.41 6.42 -9.77
N ASN A 209 -1.35 5.83 -10.96
CA ASN A 209 -0.09 5.76 -11.70
C ASN A 209 0.00 6.98 -12.60
N PRO A 210 0.91 7.93 -12.27
CA PRO A 210 0.90 9.22 -12.97
C PRO A 210 1.55 9.11 -14.34
N MET A 211 2.17 7.97 -14.60
CA MET A 211 2.83 7.78 -15.88
C MET A 211 1.86 7.38 -17.00
N ASN A 212 0.79 6.65 -16.64
CA ASN A 212 -0.30 6.39 -17.58
C ASN A 212 -1.65 6.97 -17.16
N GLN A 213 -1.65 7.78 -16.12
CA GLN A 213 -2.88 8.43 -15.61
C GLN A 213 -3.98 7.42 -15.22
N GLN A 214 -3.58 6.25 -14.74
CA GLN A 214 -4.55 5.21 -14.44
C GLN A 214 -4.74 4.97 -12.92
N HIS A 215 -5.99 4.83 -12.49
CA HIS A 215 -6.29 4.46 -11.12
C HIS A 215 -6.33 2.92 -11.01
N ILE A 216 -5.73 2.37 -9.96
CA ILE A 216 -5.63 0.93 -9.75
C ILE A 216 -6.00 0.64 -8.28
N VAL A 217 -6.88 -0.33 -8.04
CA VAL A 217 -7.35 -0.58 -6.69
C VAL A 217 -6.45 -1.60 -6.00
N VAL A 218 -5.85 -1.19 -4.88
CA VAL A 218 -4.94 -2.06 -4.12
C VAL A 218 -5.55 -2.39 -2.74
N PRO A 219 -5.94 -3.66 -2.53
CA PRO A 219 -6.59 -4.12 -1.29
C PRO A 219 -5.64 -3.96 -0.12
N LEU A 220 -6.15 -3.58 1.04
CA LEU A 220 -5.31 -3.44 2.23
C LEU A 220 -6.03 -4.06 3.42
N GLU A 221 -5.28 -4.30 4.50
CA GLU A 221 -5.82 -4.74 5.77
C GLU A 221 -5.34 -3.84 6.89
N LEU A 222 -5.56 -2.53 6.74
CA LEU A 222 -5.12 -1.55 7.73
C LEU A 222 -5.73 -1.80 9.11
N GLY A 223 -6.95 -2.33 9.16
CA GLY A 223 -7.65 -2.50 10.42
C GLY A 223 -6.92 -3.43 11.37
N SER A 224 -6.10 -4.31 10.80
CA SER A 224 -5.47 -5.37 11.59
C SER A 224 -4.05 -5.05 12.09
N GLN A 225 -3.56 -3.84 11.80
CA GLN A 225 -2.28 -3.39 12.33
C GLN A 225 -2.40 -3.09 13.82
N THR A 226 -1.33 -3.34 14.57
CA THR A 226 -1.26 -2.95 15.96
C THR A 226 -1.29 -1.43 16.08
N ILE A 227 -2.15 -0.92 16.95
CA ILE A 227 -2.24 0.53 17.15
C ILE A 227 -0.97 1.02 17.80
N PRO A 228 -0.34 2.04 17.20
CA PRO A 228 0.77 2.78 17.77
C PRO A 228 0.19 3.84 18.72
N MET A 229 0.90 4.18 19.78
CA MET A 229 0.31 5.03 20.80
C MET A 229 0.39 6.52 20.47
N ARG A 230 -0.39 7.30 21.20
CA ARG A 230 -0.11 8.74 21.31
C ARG A 230 0.15 9.02 22.79
N LYS A 231 -0.84 9.57 23.49
CA LYS A 231 -0.70 9.71 24.93
C LYS A 231 -1.73 8.84 25.63
N ASP A 232 -1.89 7.62 25.11
CA ASP A 232 -3.05 6.80 25.47
C ASP A 232 -2.68 5.38 25.88
N ILE A 233 -1.44 5.20 26.36
CA ILE A 233 -0.98 3.88 26.77
C ILE A 233 -1.93 3.18 27.75
N ASP A 234 -2.45 3.90 28.73
CA ASP A 234 -3.36 3.31 29.71
C ASP A 234 -4.69 2.87 29.09
N TYR A 235 -5.20 3.64 28.14
CA TYR A 235 -6.46 3.30 27.48
C TYR A 235 -6.24 2.05 26.64
N ILE A 236 -5.13 2.02 25.92
CA ILE A 236 -4.79 0.88 25.07
C ILE A 236 -4.56 -0.36 25.94
N GLN A 237 -3.85 -0.19 27.05
CA GLN A 237 -3.63 -1.29 27.98
C GLN A 237 -4.92 -1.80 28.62
N THR A 238 -5.84 -0.89 28.93
CA THR A 238 -7.15 -1.31 29.43
C THR A 238 -7.86 -2.26 28.45
N LEU A 239 -7.82 -1.94 27.16
CA LEU A 239 -8.36 -2.86 26.15
C LEU A 239 -7.49 -4.11 25.99
N HIS A 240 -6.16 -3.92 25.98
CA HIS A 240 -5.20 -5.03 25.93
C HIS A 240 -5.60 -6.11 26.93
N ALA A 241 -5.89 -5.71 28.16
CA ALA A 241 -6.23 -6.67 29.22
C ALA A 241 -7.59 -7.37 29.01
N GLU A 242 -8.54 -6.71 28.35
CA GLU A 242 -9.82 -7.37 28.10
C GLU A 242 -9.66 -8.46 27.05
N LEU A 243 -8.95 -8.14 25.96
CA LEU A 243 -8.85 -9.02 24.80
C LEU A 243 -7.79 -10.10 24.96
N LYS A 244 -6.83 -9.84 25.85
CA LYS A 244 -5.58 -10.62 25.90
C LYS A 244 -4.83 -10.61 24.56
N LEU A 245 -4.91 -9.49 23.85
CA LEU A 245 -4.20 -9.32 22.58
C LEU A 245 -3.86 -7.84 22.49
N LEU A 246 -2.67 -7.53 21.99
CA LEU A 246 -2.32 -6.16 21.63
C LEU A 246 -3.38 -5.64 20.68
N PRO A 247 -4.07 -4.56 21.08
CA PRO A 247 -5.17 -4.03 20.30
C PRO A 247 -4.73 -3.57 18.91
N ASN A 248 -5.58 -3.87 17.92
CA ASN A 248 -5.40 -3.34 16.57
C ASN A 248 -6.49 -2.28 16.30
N TYR A 249 -6.37 -1.57 15.19
CA TYR A 249 -7.28 -0.48 14.93
C TYR A 249 -8.72 -0.93 14.94
N GLU A 250 -9.02 -2.07 14.31
CA GLU A 250 -10.38 -2.57 14.32
C GLU A 250 -10.91 -2.78 15.75
N ASN A 251 -10.04 -3.15 16.69
CA ASN A 251 -10.52 -3.36 18.06
C ASN A 251 -11.09 -2.05 18.66
N MET A 252 -10.56 -0.90 18.22
CA MET A 252 -11.08 0.40 18.68
C MET A 252 -12.15 0.97 17.75
N VAL A 253 -12.07 0.61 16.47
CA VAL A 253 -13.00 1.15 15.46
C VAL A 253 -13.83 0.02 14.86
N SER A 254 -14.98 -0.25 15.48
CA SER A 254 -15.89 -1.33 15.15
C SER A 254 -17.02 -1.29 16.18
N GLY A 255 -18.02 -2.15 16.02
CA GLY A 255 -19.11 -2.23 16.97
C GLY A 255 -18.63 -2.51 18.39
N ALA A 256 -17.73 -3.48 18.54
CA ALA A 256 -17.17 -3.82 19.86
C ALA A 256 -16.29 -2.69 20.38
N GLY A 257 -15.58 -2.01 19.47
CA GLY A 257 -14.81 -0.84 19.87
C GLY A 257 -15.72 0.22 20.48
N LEU A 258 -16.82 0.52 19.79
CA LEU A 258 -17.76 1.53 20.25
C LEU A 258 -18.35 1.13 21.61
N GLU A 259 -18.73 -0.13 21.75
CA GLU A 259 -19.21 -0.64 23.03
C GLU A 259 -18.15 -0.53 24.11
N PHE A 260 -16.89 -0.78 23.76
CA PHE A 260 -15.81 -0.60 24.72
C PHE A 260 -15.70 0.86 25.14
N HIS A 261 -15.69 1.77 24.18
CA HIS A 261 -15.57 3.19 24.48
C HIS A 261 -16.68 3.64 25.42
N TYR A 262 -17.89 3.13 25.20
CA TYR A 262 -19.05 3.49 26.02
C TYR A 262 -18.90 2.96 27.45
N ARG A 263 -18.46 1.70 27.59
CA ARG A 263 -18.17 1.16 28.93
C ARG A 263 -17.13 2.01 29.65
N GLN A 264 -16.11 2.45 28.94
CA GLN A 264 -15.08 3.27 29.55
C GLN A 264 -15.60 4.66 29.95
N VAL A 265 -16.57 5.19 29.21
CA VAL A 265 -17.16 6.50 29.57
C VAL A 265 -18.07 6.43 30.79
N VAL A 266 -19.00 5.48 30.81
CA VAL A 266 -19.96 5.38 31.91
C VAL A 266 -19.37 4.79 33.21
N ARG A 267 -18.31 3.99 33.06
CA ARG A 267 -17.77 3.13 34.13
C ARG A 267 -18.78 2.51 35.11
N GLY A 268 -19.53 1.49 34.67
CA GLY A 268 -20.47 0.74 35.50
C GLY A 268 -21.82 1.42 35.76
N SER A 269 -21.77 2.74 35.92
CA SER A 269 -22.91 3.60 36.28
C SER A 269 -24.19 3.41 35.44
N ARG A 270 -24.01 3.08 34.16
CA ARG A 270 -25.12 2.65 33.29
C ARG A 270 -24.72 1.29 32.72
N PRO A 271 -25.60 0.27 32.74
CA PRO A 271 -25.18 -1.02 32.18
C PRO A 271 -24.83 -0.88 30.69
N PRO A 272 -24.23 -1.92 30.09
CA PRO A 272 -23.88 -1.84 28.66
C PRO A 272 -25.06 -1.90 27.65
N CYS A 273 -24.99 -1.08 26.61
CA CYS A 273 -25.89 -1.20 25.46
C CYS A 273 -25.09 -1.40 24.16
N SER A 274 -25.77 -1.80 23.09
CA SER A 274 -25.10 -2.15 21.83
C SER A 274 -24.58 -0.94 21.05
N ALA A 275 -23.64 -1.19 20.14
CA ALA A 275 -23.10 -0.13 19.31
C ALA A 275 -24.24 0.63 18.63
N GLY A 276 -25.21 -0.12 18.11
CA GLY A 276 -26.39 0.46 17.48
C GLY A 276 -27.17 1.37 18.42
N GLU A 277 -27.36 0.92 19.66
CA GLU A 277 -28.06 1.70 20.66
C GLU A 277 -27.25 2.95 21.03
N ILE A 278 -25.93 2.79 21.10
CA ILE A 278 -25.04 3.89 21.43
C ILE A 278 -25.12 4.96 20.35
N ALA A 279 -25.12 4.55 19.08
CA ALA A 279 -25.22 5.50 17.97
C ALA A 279 -26.56 6.25 18.03
N LYS A 280 -27.63 5.53 18.35
CA LYS A 280 -28.94 6.18 18.49
C LYS A 280 -28.95 7.25 19.58
N LEU A 281 -28.51 6.87 20.79
CA LEU A 281 -28.41 7.78 21.93
C LEU A 281 -27.62 9.03 21.60
N ALA A 282 -26.52 8.85 20.87
CA ALA A 282 -25.68 9.97 20.48
C ALA A 282 -26.44 10.91 19.54
N SER A 283 -27.26 10.35 18.66
CA SER A 283 -28.10 11.14 17.78
C SER A 283 -29.08 12.01 18.57
N GLU A 284 -29.40 11.56 19.78
CA GLU A 284 -30.35 12.27 20.64
C GLU A 284 -29.68 13.20 21.63
N GLY A 285 -28.37 13.40 21.48
CA GLY A 285 -27.66 14.34 22.31
C GLY A 285 -27.13 13.79 23.62
N ASP A 286 -27.34 12.50 23.88
CA ASP A 286 -26.81 11.85 25.08
C ASP A 286 -25.30 12.05 25.20
N ALA A 287 -24.88 12.73 26.26
CA ALA A 287 -23.47 13.09 26.45
C ALA A 287 -22.49 11.90 26.48
N ASN A 288 -22.90 10.79 27.10
CA ASN A 288 -22.02 9.63 27.26
C ASN A 288 -21.80 8.92 25.93
N ALA A 289 -22.89 8.66 25.21
CA ALA A 289 -22.81 8.10 23.87
C ALA A 289 -22.01 8.99 22.92
N CYS A 290 -22.27 10.30 22.96
CA CYS A 290 -21.49 11.22 22.13
C CYS A 290 -20.00 11.10 22.39
N LYS A 291 -19.61 11.01 23.66
CA LYS A 291 -18.19 10.91 23.98
C LYS A 291 -17.62 9.55 23.50
N ALA A 292 -18.43 8.50 23.54
CA ALA A 292 -18.01 7.19 23.03
C ALA A 292 -17.73 7.30 21.54
N MET A 293 -18.65 7.94 20.83
CA MET A 293 -18.49 8.18 19.41
C MET A 293 -17.24 9.04 19.08
N LYS A 294 -16.93 10.04 19.90
CA LYS A 294 -15.71 10.84 19.68
C LYS A 294 -14.46 9.98 19.82
N LYS A 295 -14.54 9.02 20.73
CA LYS A 295 -13.46 8.10 21.01
C LYS A 295 -13.19 7.18 19.83
N TYR A 296 -14.27 6.58 19.35
CA TYR A 296 -14.24 5.73 18.18
C TYR A 296 -13.57 6.50 17.02
N HIS A 297 -14.00 7.74 16.79
CA HIS A 297 -13.45 8.50 15.68
C HIS A 297 -12.03 8.98 15.90
N GLU A 298 -11.64 9.12 17.16
CA GLU A 298 -10.26 9.47 17.48
C GLU A 298 -9.35 8.36 16.93
N TYR A 299 -9.76 7.11 17.13
CA TYR A 299 -8.94 6.01 16.64
C TYR A 299 -9.01 5.88 15.12
N LEU A 300 -10.15 6.21 14.53
CA LEU A 300 -10.26 6.20 13.07
C LEU A 300 -9.31 7.23 12.49
N MET A 301 -9.26 8.41 13.10
CA MET A 301 -8.35 9.45 12.63
C MET A 301 -6.90 9.02 12.81
N ARG A 302 -6.63 8.12 13.74
CA ARG A 302 -5.24 7.65 13.85
C ARG A 302 -4.85 6.69 12.72
N VAL A 303 -5.78 5.81 12.30
CA VAL A 303 -5.59 5.03 11.08
C VAL A 303 -5.25 5.98 9.94
N GLY A 304 -6.01 7.07 9.86
CA GLY A 304 -5.83 8.02 8.79
C GLY A 304 -4.50 8.76 8.80
N SER A 305 -4.05 9.21 9.97
CA SER A 305 -2.79 9.95 10.02
C SER A 305 -1.60 9.06 9.72
N GLU A 306 -1.59 7.85 10.25
CA GLU A 306 -0.47 6.93 9.99
C GLU A 306 -0.44 6.53 8.53
N ALA A 307 -1.61 6.17 7.99
CA ALA A 307 -1.72 5.83 6.58
C ALA A 307 -1.43 7.03 5.66
N SER A 308 -1.82 8.23 6.10
CA SER A 308 -1.49 9.45 5.35
C SER A 308 0.01 9.56 5.16
N MET A 309 0.78 9.12 6.16
CA MET A 309 2.23 9.16 6.01
C MET A 309 2.70 7.99 5.13
N ALA A 310 2.34 6.78 5.52
CA ALA A 310 2.78 5.58 4.79
C ALA A 310 2.41 5.58 3.28
N LEU A 311 1.19 6.00 2.95
CA LEU A 311 0.68 5.86 1.58
C LEU A 311 0.69 7.17 0.78
N LEU A 312 0.92 8.30 1.46
CA LEU A 312 0.91 9.63 0.83
C LEU A 312 -0.29 9.84 -0.12
N PRO A 313 -1.52 9.70 0.40
CA PRO A 313 -2.66 9.85 -0.50
C PRO A 313 -2.98 11.32 -0.77
N LEU A 314 -3.67 11.58 -1.88
CA LEU A 314 -4.24 12.89 -2.16
C LEU A 314 -5.52 13.08 -1.37
N THR A 315 -6.34 12.02 -1.33
CA THR A 315 -7.59 12.06 -0.59
C THR A 315 -7.78 10.83 0.31
N ILE A 316 -8.57 11.02 1.36
CA ILE A 316 -9.10 9.93 2.17
C ILE A 316 -10.62 10.05 2.14
N VAL A 317 -11.31 8.95 1.82
CA VAL A 317 -12.77 8.92 1.75
C VAL A 317 -13.36 7.88 2.71
N LEU A 318 -14.17 8.33 3.67
CA LEU A 318 -14.88 7.42 4.56
C LEU A 318 -16.18 6.98 3.87
N VAL A 319 -16.40 5.68 3.71
CA VAL A 319 -17.59 5.19 3.03
C VAL A 319 -18.36 4.18 3.88
N GLY A 320 -19.60 3.89 3.48
CA GLY A 320 -20.39 2.85 4.12
C GLY A 320 -21.70 3.37 4.69
N ASP A 321 -22.68 2.47 4.90
CA ASP A 321 -23.95 2.88 5.51
C ASP A 321 -23.76 3.57 6.87
N ASN A 322 -22.83 3.05 7.66
CA ASN A 322 -22.41 3.67 8.91
C ASN A 322 -22.15 5.17 8.77
N ILE A 323 -21.26 5.50 7.84
CA ILE A 323 -20.85 6.88 7.59
C ILE A 323 -22.01 7.76 7.13
N VAL A 324 -22.81 7.23 6.22
CA VAL A 324 -23.96 7.99 5.76
C VAL A 324 -24.94 8.20 6.90
N ASN A 325 -25.29 7.13 7.61
CA ASN A 325 -26.25 7.21 8.72
C ASN A 325 -25.77 8.00 9.96
N ASN A 326 -24.46 8.09 10.17
CA ASN A 326 -23.91 8.90 11.25
C ASN A 326 -23.71 10.35 10.83
N ALA A 327 -24.39 10.80 9.78
CA ALA A 327 -24.21 12.16 9.30
C ALA A 327 -24.44 13.19 10.41
N PHE A 328 -25.32 12.88 11.38
CA PHE A 328 -25.54 13.78 12.52
C PHE A 328 -24.24 14.07 13.24
N PHE A 329 -23.33 13.10 13.24
CA PHE A 329 -22.10 13.27 13.98
C PHE A 329 -21.12 14.19 13.23
N TYR A 330 -21.01 14.04 11.91
CA TYR A 330 -20.06 14.82 11.15
C TYR A 330 -20.57 16.25 10.90
N ARG A 331 -21.90 16.39 10.84
CA ARG A 331 -22.61 17.67 10.68
C ARG A 331 -22.22 18.68 11.78
N ASN A 332 -21.83 18.17 12.94
CA ASN A 332 -21.49 18.95 14.13
C ASN A 332 -20.05 19.49 14.02
N PRO A 333 -19.89 20.82 14.06
CA PRO A 333 -18.59 21.47 13.75
C PRO A 333 -17.55 21.22 14.83
N GLN A 334 -18.00 21.07 16.07
CA GLN A 334 -17.11 20.71 17.15
C GLN A 334 -16.58 19.26 16.97
N ASN A 335 -17.45 18.33 16.58
CA ASN A 335 -16.97 16.97 16.30
C ASN A 335 -15.98 16.98 15.16
N LEU A 336 -16.30 17.74 14.11
CA LEU A 336 -15.47 17.76 12.91
C LEU A 336 -14.11 18.40 13.18
N LYS A 337 -14.09 19.44 14.01
CA LYS A 337 -12.82 20.09 14.34
C LYS A 337 -11.93 19.17 15.19
N GLU A 338 -12.56 18.39 16.07
CA GLU A 338 -11.83 17.40 16.86
C GLU A 338 -11.24 16.27 16.02
N MET A 339 -12.00 15.77 15.05
CA MET A 339 -11.49 14.76 14.11
C MET A 339 -10.33 15.32 13.31
N HIS A 340 -10.49 16.55 12.82
CA HIS A 340 -9.44 17.22 12.04
C HIS A 340 -8.16 17.30 12.88
N ARG A 341 -8.29 17.78 14.10
CA ARG A 341 -7.16 17.84 15.02
C ARG A 341 -6.47 16.48 15.20
N GLU A 342 -7.25 15.42 15.31
CA GLU A 342 -6.64 14.10 15.55
C GLU A 342 -5.95 13.62 14.27
N ALA A 343 -6.56 13.96 13.12
CA ALA A 343 -5.96 13.64 11.83
C ALA A 343 -4.58 14.26 11.68
N LEU A 344 -4.38 15.42 12.31
CA LEU A 344 -3.12 16.13 12.23
C LEU A 344 -2.15 15.68 13.33
N ASN A 345 -2.63 14.83 14.24
CA ASN A 345 -1.82 14.36 15.39
C ASN A 345 -0.77 13.31 15.00
N HIS A 346 0.29 13.76 14.35
CA HIS A 346 1.36 12.87 13.93
C HIS A 346 2.66 13.67 13.93
N GLU A 347 3.77 13.02 14.28
CA GLU A 347 5.06 13.73 14.30
C GLU A 347 5.45 14.27 12.93
N MET A 348 5.07 13.58 11.87
CA MET A 348 5.44 14.02 10.52
C MET A 348 4.66 15.25 10.06
N GLU A 349 3.68 15.68 10.87
CA GLU A 349 2.90 16.87 10.51
C GLU A 349 3.76 18.14 10.59
N ARG A 350 4.88 18.08 11.32
CA ARG A 350 5.85 19.17 11.34
C ARG A 350 6.41 19.43 9.95
N PHE A 351 6.25 18.46 9.05
CA PHE A 351 6.59 18.67 7.65
C PHE A 351 5.34 18.86 6.79
N GLY A 352 4.16 18.87 7.40
CA GLY A 352 2.93 19.08 6.65
C GLY A 352 2.34 17.86 5.95
N PHE A 353 2.81 16.65 6.30
CA PHE A 353 2.33 15.46 5.58
C PHE A 353 0.83 15.19 5.79
N GLN A 354 0.34 15.26 7.02
CA GLN A 354 -1.08 15.01 7.25
C GLN A 354 -1.98 16.13 6.69
N SER A 355 -1.47 17.37 6.73
CA SER A 355 -2.18 18.52 6.17
C SER A 355 -2.37 18.51 4.65
N ARG A 356 -1.59 17.69 3.93
CA ARG A 356 -1.73 17.58 2.48
C ARG A 356 -3.09 17.00 2.10
N VAL A 357 -3.59 16.10 2.95
CA VAL A 357 -4.67 15.20 2.58
C VAL A 357 -6.07 15.82 2.71
N THR A 358 -6.90 15.62 1.70
CA THR A 358 -8.31 16.02 1.76
C THR A 358 -9.16 14.84 2.24
N TYR A 359 -9.97 15.07 3.27
CA TYR A 359 -10.87 14.03 3.76
C TYR A 359 -12.29 14.27 3.27
N LEU A 360 -12.92 13.19 2.82
CA LEU A 360 -14.29 13.22 2.33
C LEU A 360 -15.09 12.13 3.02
N ARG A 361 -16.40 12.24 3.00
CA ARG A 361 -17.21 11.17 3.51
C ARG A 361 -18.39 10.92 2.59
N GLN A 362 -18.81 9.67 2.49
CA GLN A 362 -20.03 9.36 1.77
C GLN A 362 -21.19 10.06 2.48
N LYS A 363 -22.01 10.78 1.73
CA LYS A 363 -23.10 11.57 2.32
C LYS A 363 -24.46 11.12 1.77
N LYS A 364 -24.45 10.13 0.89
CA LYS A 364 -25.67 9.58 0.34
C LYS A 364 -25.52 8.08 0.19
N LEU A 365 -26.57 7.34 0.57
CA LEU A 365 -26.58 5.89 0.47
C LEU A 365 -26.34 5.41 -0.96
N LEU A 366 -25.42 4.46 -1.10
CA LEU A 366 -25.14 3.80 -2.37
C LEU A 366 -24.29 2.58 -2.08
N ASN A 367 -24.70 1.43 -2.61
CA ASN A 367 -23.92 0.21 -2.42
C ASN A 367 -22.72 0.25 -3.37
N LEU A 368 -21.61 0.81 -2.91
CA LEU A 368 -20.41 0.94 -3.71
C LEU A 368 -19.87 -0.41 -4.14
N ASN A 369 -20.14 -1.44 -3.34
CA ASN A 369 -19.55 -2.74 -3.65
C ASN A 369 -20.13 -3.32 -4.94
N LEU A 370 -21.45 -3.23 -5.09
CA LEU A 370 -22.12 -3.78 -6.28
C LEU A 370 -21.66 -3.06 -7.53
N MET A 371 -21.59 -1.73 -7.46
CA MET A 371 -21.09 -0.92 -8.56
C MET A 371 -19.65 -1.29 -8.88
N GLY A 372 -18.88 -1.54 -7.83
CA GLY A 372 -17.48 -1.90 -7.97
C GLY A 372 -17.28 -3.24 -8.67
N CYS A 373 -18.07 -4.26 -8.28
CA CYS A 373 -17.98 -5.56 -8.94
C CYS A 373 -18.17 -5.39 -10.44
N TYR A 374 -19.12 -4.53 -10.81
CA TYR A 374 -19.44 -4.30 -12.21
C TYR A 374 -18.34 -3.53 -12.89
N ARG A 375 -17.84 -2.51 -12.20
CA ARG A 375 -16.78 -1.68 -12.75
C ARG A 375 -15.53 -2.54 -12.96
N CYS A 376 -15.25 -3.42 -12.01
CA CYS A 376 -14.14 -4.35 -12.18
C CYS A 376 -14.33 -5.30 -13.35
N GLY A 377 -15.57 -5.74 -13.56
CA GLY A 377 -15.88 -6.66 -14.65
C GLY A 377 -15.58 -6.04 -16.00
N LEU A 378 -15.69 -4.71 -16.07
CA LEU A 378 -15.42 -3.99 -17.30
C LEU A 378 -13.96 -4.19 -17.70
N ASP A 379 -13.07 -4.13 -16.71
CA ASP A 379 -11.64 -4.22 -16.94
C ASP A 379 -11.16 -5.64 -17.23
N LEU A 380 -12.03 -6.62 -16.99
CA LEU A 380 -11.72 -8.00 -17.34
C LEU A 380 -12.19 -8.28 -18.78
N SER A 381 -13.29 -7.62 -19.14
CA SER A 381 -13.97 -7.81 -20.43
C SER A 381 -13.27 -7.10 -21.60
N MET B 15 22.85 -7.85 -17.72
CA MET B 15 22.88 -7.37 -16.35
C MET B 15 24.25 -6.82 -15.92
N ASN B 16 24.62 -5.64 -16.42
CA ASN B 16 25.92 -5.06 -16.09
C ASN B 16 26.05 -3.54 -16.23
N ILE B 17 26.84 -2.97 -15.33
CA ILE B 17 26.99 -1.52 -15.21
C ILE B 17 28.47 -1.16 -15.03
N LYS B 18 29.02 -0.38 -15.96
CA LYS B 18 30.39 0.10 -15.81
C LYS B 18 30.42 1.59 -15.55
N GLU B 19 30.97 1.96 -14.39
CA GLU B 19 31.17 3.37 -14.06
C GLU B 19 32.42 3.85 -14.76
N LEU B 20 32.27 4.90 -15.56
CA LEU B 20 33.39 5.42 -16.33
C LEU B 20 33.55 6.91 -16.05
N SER B 21 34.64 7.48 -16.57
CA SER B 21 34.82 8.92 -16.49
C SER B 21 33.98 9.55 -17.60
N LEU B 22 33.67 10.83 -17.44
CA LEU B 22 32.83 11.54 -18.40
C LEU B 22 33.33 11.43 -19.83
N HIS B 23 34.62 11.69 -20.01
CA HIS B 23 35.20 11.62 -21.35
C HIS B 23 35.23 10.19 -21.89
N GLU B 24 35.56 9.23 -21.02
CA GLU B 24 35.58 7.83 -21.48
C GLU B 24 34.19 7.18 -21.42
N LEU B 25 33.20 7.95 -21.00
CA LEU B 25 31.79 7.59 -21.22
C LEU B 25 31.45 7.93 -22.66
N CYS B 26 31.74 9.17 -23.05
CA CYS B 26 31.56 9.64 -24.42
C CYS B 26 32.23 8.70 -25.44
N GLU B 27 33.43 8.25 -25.10
CA GLU B 27 34.13 7.28 -25.94
C GLU B 27 33.39 5.94 -25.99
N GLU B 28 33.05 5.39 -24.82
CA GLU B 28 32.32 4.13 -24.73
C GLU B 28 31.04 4.15 -25.57
N LEU B 29 30.44 5.33 -25.71
CA LEU B 29 29.18 5.47 -26.42
C LEU B 29 29.37 5.58 -27.93
N LYS B 30 30.57 5.25 -28.40
CA LYS B 30 30.87 5.23 -29.83
C LYS B 30 31.15 3.82 -30.36
N THR B 31 31.55 2.91 -29.47
CA THR B 31 31.67 1.49 -29.83
C THR B 31 30.34 1.01 -30.44
N PRO B 32 30.41 0.10 -31.42
CA PRO B 32 29.22 -0.28 -32.20
C PRO B 32 28.12 -0.92 -31.35
N ALA B 33 28.50 -1.63 -30.29
CA ALA B 33 27.55 -2.28 -29.38
C ALA B 33 26.58 -1.27 -28.76
N TRP B 34 26.98 0.00 -28.74
CA TRP B 34 26.15 1.10 -28.23
C TRP B 34 25.60 1.98 -29.35
N ASN B 35 25.49 1.42 -30.55
CA ASN B 35 24.78 2.10 -31.64
C ASN B 35 23.32 1.60 -31.67
N VAL B 36 22.55 2.05 -30.70
CA VAL B 36 21.23 1.51 -30.39
C VAL B 36 20.44 2.70 -29.83
N PRO B 37 19.10 2.67 -29.84
CA PRO B 37 18.40 3.67 -29.02
C PRO B 37 18.85 3.59 -27.55
N LEU B 38 18.96 4.74 -26.90
CA LEU B 38 19.46 4.79 -25.53
C LEU B 38 18.40 5.30 -24.53
N THR B 39 18.50 4.85 -23.28
CA THR B 39 17.73 5.44 -22.20
C THR B 39 18.63 6.22 -21.26
N PHE B 40 18.37 7.51 -21.09
CA PHE B 40 19.10 8.26 -20.09
C PHE B 40 18.59 7.88 -18.69
N VAL B 41 19.52 7.60 -17.79
CA VAL B 41 19.19 7.22 -16.41
C VAL B 41 20.05 7.97 -15.41
N GLY B 42 19.54 8.12 -14.19
CA GLY B 42 20.26 8.81 -13.14
C GLY B 42 19.87 8.34 -11.74
N ASP B 43 20.86 7.92 -10.96
CA ASP B 43 20.60 7.50 -9.59
C ASP B 43 21.17 8.54 -8.65
N VAL B 44 20.29 9.40 -8.15
CA VAL B 44 20.71 10.54 -7.34
C VAL B 44 20.69 10.22 -5.85
N GLY B 45 21.87 10.12 -5.27
CA GLY B 45 22.00 9.98 -3.83
C GLY B 45 22.31 11.31 -3.18
N GLY B 46 22.46 11.29 -1.86
CA GLY B 46 22.75 12.50 -1.10
C GLY B 46 24.17 12.97 -1.32
N THR B 47 25.06 12.02 -1.61
CA THR B 47 26.48 12.30 -1.79
C THR B 47 26.87 12.32 -3.26
N SER B 48 26.57 11.26 -3.97
CA SER B 48 26.94 11.18 -5.37
C SER B 48 25.74 10.84 -6.25
N ALA B 49 25.85 11.20 -7.53
CA ALA B 49 24.83 10.86 -8.52
C ALA B 49 25.50 10.15 -9.69
N ARG B 50 24.96 9.02 -10.09
CA ARG B 50 25.47 8.34 -11.26
C ARG B 50 24.46 8.46 -12.41
N MET B 51 24.93 9.02 -13.52
CA MET B 51 24.10 9.25 -14.68
C MET B 51 24.80 8.68 -15.89
N GLY B 52 24.02 8.31 -16.89
CA GLY B 52 24.57 7.71 -18.08
C GLY B 52 23.46 7.16 -18.95
N PHE B 53 23.75 6.07 -19.65
CA PHE B 53 22.83 5.55 -20.67
C PHE B 53 22.72 4.03 -20.58
N VAL B 54 21.57 3.50 -21.01
CA VAL B 54 21.31 2.07 -20.96
C VAL B 54 20.83 1.52 -22.31
N ARG B 55 21.23 0.28 -22.60
CA ARG B 55 20.79 -0.45 -23.79
C ARG B 55 20.51 -1.88 -23.36
N GLU B 56 19.94 -2.69 -24.27
CA GLU B 56 19.57 -4.07 -23.93
C GLU B 56 20.62 -5.11 -24.31
N ASP B 60 17.03 -9.30 -21.39
CA ASP B 60 17.93 -10.44 -21.25
C ASP B 60 19.34 -9.94 -20.92
N SER B 61 19.94 -9.22 -21.85
CA SER B 61 21.15 -8.47 -21.54
C SER B 61 20.76 -7.05 -21.14
N VAL B 62 21.36 -6.53 -20.07
CA VAL B 62 21.14 -5.13 -19.70
C VAL B 62 22.47 -4.43 -19.52
N HIS B 63 22.84 -3.60 -20.49
CA HIS B 63 24.15 -2.94 -20.47
C HIS B 63 24.00 -1.44 -20.19
N ALA B 64 24.64 -1.00 -19.11
CA ALA B 64 24.59 0.41 -18.71
C ALA B 64 26.00 0.93 -18.48
N CYS B 65 26.29 2.14 -18.96
CA CYS B 65 27.56 2.81 -18.66
C CYS B 65 27.30 4.24 -18.20
N VAL B 66 27.91 4.59 -17.07
CA VAL B 66 27.53 5.79 -16.34
C VAL B 66 28.75 6.51 -15.79
N THR B 67 28.58 7.79 -15.50
CA THR B 67 29.63 8.58 -14.88
C THR B 67 29.13 9.19 -13.57
N ARG B 68 30.03 9.46 -12.63
CA ARG B 68 29.62 9.92 -11.31
C ARG B 68 29.81 11.41 -11.14
N TYR B 69 28.93 12.02 -10.36
CA TYR B 69 29.05 13.42 -10.00
C TYR B 69 28.99 13.56 -8.50
N SER B 70 29.77 14.50 -7.97
CA SER B 70 29.68 14.88 -6.58
C SER B 70 28.53 15.88 -6.40
N MET B 71 27.66 15.61 -5.44
CA MET B 71 26.56 16.49 -5.10
C MET B 71 27.03 17.52 -4.08
N LYS B 72 28.07 18.28 -4.43
CA LYS B 72 28.74 19.10 -3.43
C LYS B 72 28.10 20.45 -3.14
N ARG B 73 27.19 20.91 -3.99
CA ARG B 73 26.33 22.03 -3.62
C ARG B 73 25.33 21.52 -2.57
N LYS B 74 25.26 20.19 -2.43
CA LYS B 74 24.23 19.51 -1.63
C LYS B 74 22.86 20.05 -1.98
N ASP B 75 22.64 20.24 -3.28
CA ASP B 75 21.44 20.88 -3.77
C ASP B 75 20.97 20.15 -5.02
N ILE B 76 19.72 19.66 -4.96
CA ILE B 76 19.16 18.82 -6.02
C ILE B 76 19.15 19.49 -7.39
N THR B 77 19.27 20.82 -7.42
CA THR B 77 19.20 21.54 -8.69
C THR B 77 20.50 21.50 -9.50
N GLU B 78 21.62 21.18 -8.85
CA GLU B 78 22.89 21.07 -9.57
C GLU B 78 22.83 20.03 -10.70
N LEU B 79 21.87 19.11 -10.59
CA LEU B 79 21.63 18.09 -11.61
C LEU B 79 21.50 18.66 -13.03
N ILE B 80 20.82 19.80 -13.16
CA ILE B 80 20.60 20.41 -14.46
C ILE B 80 21.93 20.84 -15.10
N GLU B 81 22.87 21.25 -14.26
CA GLU B 81 24.20 21.59 -14.72
C GLU B 81 24.90 20.32 -15.22
N PHE B 82 24.76 19.24 -14.46
CA PHE B 82 25.31 17.95 -14.88
C PHE B 82 24.68 17.53 -16.21
N PHE B 83 23.36 17.65 -16.29
CA PHE B 83 22.61 17.37 -17.52
C PHE B 83 23.18 18.19 -18.69
N ASN B 84 23.19 19.51 -18.51
CA ASN B 84 23.71 20.44 -19.52
C ASN B 84 25.10 20.08 -20.01
N GLU B 85 26.03 19.88 -19.06
CA GLU B 85 27.38 19.43 -19.37
C GLU B 85 27.35 18.22 -20.29
N ILE B 86 26.62 17.18 -19.87
CA ILE B 86 26.52 15.93 -20.63
C ILE B 86 26.11 16.13 -22.09
N ILE B 87 25.12 17.00 -22.32
CA ILE B 87 24.63 17.29 -23.67
C ILE B 87 25.64 18.10 -24.48
N GLU B 88 26.39 18.97 -23.80
CA GLU B 88 27.44 19.74 -24.45
C GLU B 88 28.62 18.85 -24.83
N LEU B 89 29.02 17.99 -23.90
CA LEU B 89 30.19 17.13 -24.10
C LEU B 89 29.80 15.79 -24.73
N MET B 90 28.95 15.82 -25.76
CA MET B 90 28.42 14.60 -26.36
C MET B 90 27.88 14.83 -27.77
N PRO B 91 28.19 13.90 -28.70
CA PRO B 91 27.77 13.93 -30.11
C PRO B 91 26.26 14.04 -30.30
N ALA B 92 25.83 14.60 -31.43
CA ALA B 92 24.41 14.60 -31.79
C ALA B 92 24.04 13.28 -32.47
N SER B 93 25.01 12.38 -32.56
CA SER B 93 24.73 11.02 -32.99
C SER B 93 24.31 10.21 -31.76
N VAL B 94 24.85 10.58 -30.61
CA VAL B 94 24.51 9.92 -29.33
C VAL B 94 23.19 10.45 -28.74
N ILE B 95 23.03 11.77 -28.71
CA ILE B 95 21.84 12.40 -28.13
C ILE B 95 20.57 12.07 -28.94
N LYS B 96 20.73 11.93 -30.25
CA LYS B 96 19.59 11.65 -31.12
C LYS B 96 19.01 10.26 -30.87
N ARG B 97 19.77 9.40 -30.20
CA ARG B 97 19.32 8.05 -29.90
C ARG B 97 18.65 7.93 -28.53
N VAL B 98 18.35 9.07 -27.91
CA VAL B 98 17.68 9.05 -26.61
C VAL B 98 16.16 8.94 -26.78
N LYS B 99 15.61 7.82 -26.31
CA LYS B 99 14.18 7.54 -26.44
C LYS B 99 13.41 7.81 -25.15
N ALA B 100 14.11 7.75 -24.02
CA ALA B 100 13.51 7.94 -22.70
C ALA B 100 14.53 8.50 -21.73
N GLY B 101 14.05 9.15 -20.67
CA GLY B 101 14.92 9.62 -19.61
C GLY B 101 14.29 9.49 -18.23
N VAL B 102 14.93 8.73 -17.34
CA VAL B 102 14.36 8.52 -16.01
C VAL B 102 15.44 8.63 -14.94
N ILE B 103 15.17 9.40 -13.88
CA ILE B 103 16.11 9.47 -12.77
C ILE B 103 15.36 9.20 -11.47
N ASN B 104 16.11 8.86 -10.42
CA ASN B 104 15.51 8.66 -9.11
C ASN B 104 16.16 9.52 -8.06
N VAL B 105 15.38 9.94 -7.06
CA VAL B 105 15.83 10.86 -6.02
C VAL B 105 15.49 10.31 -4.63
N PRO B 106 16.27 10.74 -3.60
CA PRO B 106 16.11 10.20 -2.26
C PRO B 106 15.01 10.85 -1.42
N GLY B 107 13.83 11.08 -2.00
CA GLY B 107 12.70 11.59 -1.23
C GLY B 107 11.40 11.32 -1.97
N PRO B 108 10.24 11.64 -1.34
CA PRO B 108 8.91 11.49 -1.96
C PRO B 108 8.82 12.20 -3.30
N VAL B 109 8.07 11.63 -4.24
CA VAL B 109 7.87 12.30 -5.52
C VAL B 109 6.40 12.24 -5.89
N THR B 110 5.84 13.36 -6.33
CA THR B 110 4.46 13.38 -6.80
C THR B 110 4.42 13.52 -8.31
N GLY B 111 3.36 13.00 -8.93
CA GLY B 111 3.15 13.13 -10.36
C GLY B 111 4.26 12.64 -11.27
N GLY B 112 5.18 11.84 -10.72
CA GLY B 112 6.39 11.46 -11.44
C GLY B 112 7.11 12.64 -12.05
N ALA B 113 7.10 13.78 -11.36
CA ALA B 113 7.67 15.01 -11.92
C ALA B 113 8.07 16.08 -10.90
N VAL B 114 7.63 15.92 -9.66
CA VAL B 114 8.00 16.85 -8.58
C VAL B 114 8.61 16.12 -7.40
N GLY B 115 9.94 16.19 -7.29
CA GLY B 115 10.64 15.49 -6.23
C GLY B 115 11.07 16.34 -5.06
N GLY B 116 10.89 15.80 -3.86
CA GLY B 116 11.32 16.45 -2.65
C GLY B 116 10.16 17.21 -2.06
N PRO B 117 10.37 17.90 -0.92
CA PRO B 117 11.61 18.14 -0.15
C PRO B 117 12.35 16.90 0.37
N PHE B 118 13.68 16.99 0.37
CA PHE B 118 14.53 15.87 0.79
C PHE B 118 15.17 16.08 2.16
N ASN B 119 15.31 14.99 2.92
CA ASN B 119 16.01 15.03 4.20
C ASN B 119 17.50 15.34 4.06
N ASN B 120 18.08 14.96 2.92
CA ASN B 120 19.52 15.10 2.71
C ASN B 120 19.89 16.38 1.95
N LEU B 121 19.22 16.61 0.83
CA LEU B 121 19.57 17.72 -0.05
C LEU B 121 18.60 18.87 0.14
N LYS B 122 18.88 20.00 -0.50
CA LYS B 122 17.93 21.10 -0.53
C LYS B 122 17.42 21.36 -1.95
N GLY B 123 16.23 21.94 -2.05
CA GLY B 123 15.63 22.23 -3.35
C GLY B 123 14.54 21.26 -3.79
N ILE B 124 14.10 21.41 -5.04
CA ILE B 124 13.04 20.59 -5.59
C ILE B 124 13.40 20.10 -6.99
N ALA B 125 13.37 18.79 -7.19
CA ALA B 125 13.61 18.23 -8.52
C ALA B 125 12.37 18.48 -9.37
N ARG B 126 12.55 19.19 -10.49
CA ARG B 126 11.44 19.52 -11.36
C ARG B 126 11.71 19.07 -12.80
N LEU B 127 11.00 18.04 -13.23
CA LEU B 127 11.12 17.50 -14.58
C LEU B 127 10.92 18.56 -15.68
N SER B 128 10.15 19.61 -15.37
CA SER B 128 9.85 20.66 -16.33
C SER B 128 11.08 21.53 -16.65
N ASP B 129 12.01 21.59 -15.70
CA ASP B 129 13.27 22.34 -15.87
C ASP B 129 14.40 21.48 -16.45
N TYR B 130 14.08 20.28 -16.91
CA TYR B 130 15.11 19.38 -17.42
C TYR B 130 15.16 19.47 -18.94
N PRO B 131 16.36 19.34 -19.50
CA PRO B 131 16.54 19.38 -20.96
C PRO B 131 15.83 18.24 -21.66
N LYS B 132 15.05 18.54 -22.70
CA LYS B 132 14.29 17.52 -23.41
C LYS B 132 15.19 16.62 -24.27
N ALA B 133 16.44 17.02 -24.42
CA ALA B 133 17.41 16.21 -25.13
C ALA B 133 17.69 14.91 -24.38
N LEU B 134 17.57 14.97 -23.05
CA LEU B 134 17.77 13.80 -22.21
C LEU B 134 16.45 13.26 -21.64
N PHE B 135 15.45 14.14 -21.63
CA PHE B 135 14.14 13.78 -21.11
C PHE B 135 13.04 14.04 -22.13
N PRO B 136 12.94 13.16 -23.15
CA PRO B 136 11.90 13.35 -24.18
C PRO B 136 10.51 13.35 -23.55
N PRO B 137 9.74 14.43 -23.78
CA PRO B 137 8.42 14.62 -23.16
C PRO B 137 7.46 13.47 -23.47
N GLY B 138 6.74 12.99 -22.46
CA GLY B 138 5.90 11.82 -22.65
C GLY B 138 6.64 10.52 -22.51
N ARG B 139 7.97 10.61 -22.35
CA ARG B 139 8.79 9.41 -22.19
C ARG B 139 9.82 9.58 -21.07
N SER B 140 9.48 10.41 -20.08
CA SER B 140 10.40 10.71 -19.01
C SER B 140 9.73 10.69 -17.65
N ALA B 141 10.51 10.51 -16.58
CA ALA B 141 9.96 10.52 -15.24
C ALA B 141 11.04 10.74 -14.19
N ILE B 142 10.62 11.33 -13.07
CA ILE B 142 11.39 11.28 -11.84
C ILE B 142 10.74 10.24 -10.94
N LEU B 143 11.56 9.42 -10.31
CA LEU B 143 11.12 8.33 -9.45
C LEU B 143 11.66 8.53 -8.04
N ASN B 144 10.90 8.09 -7.03
CA ASN B 144 11.47 7.95 -5.71
C ASN B 144 12.55 6.85 -5.77
N ASP B 145 13.56 6.91 -4.90
CA ASP B 145 14.66 5.94 -4.96
C ASP B 145 14.21 4.48 -4.88
N LEU B 146 13.31 4.17 -3.94
CA LEU B 146 12.82 2.80 -3.75
C LEU B 146 11.77 2.44 -4.81
N GLU B 147 11.18 3.45 -5.43
CA GLU B 147 10.31 3.21 -6.56
C GLU B 147 11.18 2.63 -7.69
N ALA B 148 12.35 3.24 -7.87
CA ALA B 148 13.30 2.72 -8.85
C ALA B 148 13.85 1.36 -8.42
N GLY B 149 14.16 1.21 -7.13
CA GLY B 149 14.63 -0.07 -6.63
C GLY B 149 13.65 -1.17 -6.99
N GLY B 150 12.36 -0.90 -6.81
CA GLY B 150 11.33 -1.89 -7.08
C GLY B 150 11.28 -2.28 -8.55
N PHE B 151 11.37 -1.29 -9.43
CA PHE B 151 11.54 -1.56 -10.86
C PHE B 151 12.79 -2.38 -11.15
N GLY B 152 13.87 -2.14 -10.40
CA GLY B 152 15.10 -2.89 -10.58
C GLY B 152 14.91 -4.35 -10.19
N VAL B 153 14.14 -4.58 -9.12
CA VAL B 153 13.86 -5.95 -8.71
C VAL B 153 13.11 -6.67 -9.80
N LEU B 154 12.20 -5.96 -10.47
CA LEU B 154 11.47 -6.54 -11.60
C LEU B 154 12.42 -6.89 -12.74
N ALA B 155 13.33 -5.97 -13.04
CA ALA B 155 14.25 -6.14 -14.17
C ALA B 155 15.12 -7.39 -13.96
N VAL B 156 15.66 -7.54 -12.75
CA VAL B 156 16.40 -8.75 -12.37
C VAL B 156 15.55 -10.01 -12.66
N SER B 157 14.32 -10.01 -12.15
CA SER B 157 13.41 -11.13 -12.39
C SER B 157 13.14 -11.38 -13.88
N ASP B 158 12.95 -10.30 -14.64
CA ASP B 158 12.73 -10.44 -16.09
C ASP B 158 13.97 -11.01 -16.79
N ALA B 159 15.16 -10.71 -16.28
CA ALA B 159 16.38 -11.22 -16.89
C ALA B 159 16.72 -12.63 -16.41
N HIS B 160 15.77 -13.28 -15.75
CA HIS B 160 15.91 -14.68 -15.31
C HIS B 160 17.09 -14.92 -14.39
N VAL B 161 17.48 -13.89 -13.66
CA VAL B 161 18.68 -13.94 -12.85
C VAL B 161 18.39 -13.63 -11.37
N PHE B 162 17.12 -13.80 -10.97
CA PHE B 162 16.73 -13.57 -9.58
C PHE B 162 17.60 -14.34 -8.57
N SER B 163 17.77 -15.64 -8.78
CA SER B 163 18.55 -16.46 -7.84
C SER B 163 20.04 -16.09 -7.77
N GLU B 164 20.56 -15.40 -8.77
CA GLU B 164 21.94 -14.91 -8.72
C GLU B 164 22.06 -13.75 -7.74
N TYR B 165 21.00 -12.96 -7.63
CA TYR B 165 21.08 -11.76 -6.79
C TYR B 165 20.34 -11.85 -5.45
N PHE B 166 19.39 -12.77 -5.35
CA PHE B 166 18.56 -12.87 -4.15
C PHE B 166 18.60 -14.25 -3.53
N GLY B 167 18.81 -14.30 -2.21
CA GLY B 167 18.75 -15.56 -1.50
C GLY B 167 17.53 -15.61 -0.59
N VAL B 168 16.98 -16.81 -0.44
CA VAL B 168 15.83 -17.01 0.45
C VAL B 168 16.29 -17.06 1.90
N MET B 169 15.68 -16.23 2.76
CA MET B 169 15.92 -16.34 4.20
C MET B 169 14.98 -17.41 4.76
N TRP B 170 13.70 -17.32 4.38
CA TRP B 170 12.77 -18.41 4.62
C TRP B 170 11.58 -18.34 3.66
N GLU B 171 11.10 -19.52 3.30
CA GLU B 171 9.99 -19.63 2.38
C GLU B 171 8.68 -19.55 3.16
N GLY B 172 7.78 -18.76 2.64
CA GLY B 172 6.50 -18.59 3.30
C GLY B 172 5.50 -19.60 2.80
N THR B 173 4.41 -19.65 3.52
CA THR B 173 3.34 -20.63 3.34
C THR B 173 2.62 -20.43 2.00
N GLN B 174 2.59 -19.21 1.50
CA GLN B 174 1.80 -18.89 0.31
C GLN B 174 2.52 -19.24 -1.01
N TRP B 175 3.85 -19.33 -0.96
CA TRP B 175 4.66 -19.41 -2.18
C TRP B 175 4.30 -20.58 -3.08
N ARG B 176 4.29 -21.79 -2.51
CA ARG B 176 4.09 -23.00 -3.30
C ARG B 176 2.69 -23.14 -3.88
N THR B 177 1.76 -22.32 -3.38
CA THR B 177 0.42 -22.31 -3.96
C THR B 177 0.26 -21.29 -5.09
N CYS B 178 1.12 -20.29 -5.15
CA CYS B 178 1.08 -19.31 -6.24
C CYS B 178 2.09 -19.65 -7.36
N GLU B 179 3.20 -20.29 -6.99
CA GLU B 179 4.32 -20.53 -7.91
C GLU B 179 4.79 -21.97 -7.89
N GLN B 180 5.06 -22.55 -9.06
CA GLN B 180 5.63 -23.90 -9.10
C GLN B 180 7.17 -23.86 -9.21
N GLU B 181 7.71 -22.72 -9.61
CA GLU B 181 9.15 -22.50 -9.59
C GLU B 181 9.63 -22.34 -8.15
N PRO B 182 10.90 -22.66 -7.88
CA PRO B 182 11.42 -22.55 -6.50
C PRO B 182 11.46 -21.10 -6.02
N ALA B 183 11.21 -20.89 -4.73
CA ALA B 183 11.35 -19.57 -4.14
C ALA B 183 12.74 -19.00 -4.44
N GLY B 184 12.82 -17.70 -4.66
CA GLY B 184 14.07 -17.04 -4.93
C GLY B 184 14.46 -17.04 -6.40
N SER B 185 13.67 -17.72 -7.23
CA SER B 185 14.05 -17.90 -8.63
C SER B 185 13.34 -16.95 -9.57
N VAL B 186 12.19 -16.42 -9.13
CA VAL B 186 11.49 -15.36 -9.83
C VAL B 186 10.82 -14.47 -8.78
N ILE B 187 10.44 -13.25 -9.17
CA ILE B 187 9.78 -12.34 -8.23
C ILE B 187 8.49 -12.96 -7.70
N GLY B 188 7.77 -13.63 -8.59
CA GLY B 188 6.53 -14.32 -8.22
C GLY B 188 5.34 -13.49 -8.64
N ARG B 189 4.25 -14.16 -9.02
CA ARG B 189 3.03 -13.46 -9.39
C ARG B 189 2.26 -13.08 -8.14
N GLY B 190 2.83 -12.16 -7.37
CA GLY B 190 2.24 -11.74 -6.11
C GLY B 190 2.92 -10.46 -5.68
N ARG B 191 2.35 -9.76 -4.70
CA ARG B 191 2.89 -8.49 -4.25
C ARG B 191 4.26 -8.72 -3.64
N CYS B 192 5.19 -7.80 -3.93
CA CYS B 192 6.54 -7.84 -3.35
C CYS B 192 6.87 -6.56 -2.60
N LEU B 193 6.98 -6.65 -1.28
CA LEU B 193 7.37 -5.47 -0.48
C LEU B 193 8.89 -5.38 -0.43
N VAL B 194 9.43 -4.28 -0.95
CA VAL B 194 10.86 -4.03 -0.99
C VAL B 194 11.21 -3.10 0.15
N LEU B 195 12.16 -3.52 0.99
CA LEU B 195 12.64 -2.74 2.12
C LEU B 195 14.13 -2.53 1.94
N ALA B 196 14.58 -1.30 2.11
CA ALA B 196 16.00 -0.94 1.97
C ALA B 196 16.51 -0.30 3.24
N PRO B 197 16.88 -1.12 4.24
CA PRO B 197 17.33 -0.59 5.52
C PRO B 197 18.79 -0.19 5.42
N GLY B 198 19.03 1.09 5.20
CA GLY B 198 20.37 1.58 5.02
C GLY B 198 20.57 2.82 5.87
N THR B 199 20.97 3.90 5.22
CA THR B 199 21.11 5.19 5.89
C THR B 199 19.73 5.61 6.37
N GLY B 200 18.82 5.75 5.41
CA GLY B 200 17.41 5.87 5.72
C GLY B 200 16.75 4.51 5.59
N LEU B 201 15.46 4.44 5.89
CA LEU B 201 14.71 3.22 5.66
C LEU B 201 13.76 3.48 4.50
N GLY B 202 13.97 2.75 3.40
CA GLY B 202 13.14 2.91 2.22
C GLY B 202 12.20 1.72 2.09
N SER B 203 11.13 1.93 1.36
CA SER B 203 10.08 0.93 1.23
C SER B 203 9.26 1.23 -0.01
N SER B 204 8.92 0.18 -0.77
CA SER B 204 8.04 0.29 -1.91
C SER B 204 7.32 -1.04 -2.10
N LEU B 205 6.12 -1.01 -2.64
CA LEU B 205 5.36 -2.23 -2.85
C LEU B 205 5.24 -2.50 -4.34
N ILE B 206 5.81 -3.61 -4.78
CA ILE B 206 5.59 -4.02 -6.16
C ILE B 206 4.25 -4.73 -6.20
N TYR B 207 3.20 -4.02 -6.56
CA TYR B 207 1.88 -4.62 -6.56
C TYR B 207 1.67 -5.51 -7.78
N TYR B 208 1.08 -6.68 -7.55
CA TYR B 208 0.71 -7.58 -8.62
C TYR B 208 -0.80 -7.48 -8.90
N ASN B 209 -1.15 -7.11 -10.13
CA ASN B 209 -2.55 -6.99 -10.55
C ASN B 209 -3.07 -8.27 -11.19
N PRO B 210 -3.90 -9.02 -10.45
CA PRO B 210 -4.33 -10.37 -10.85
C PRO B 210 -5.28 -10.34 -12.04
N MET B 211 -5.89 -9.18 -12.28
CA MET B 211 -6.78 -9.01 -13.42
C MET B 211 -6.01 -9.09 -14.74
N ASN B 212 -4.90 -8.34 -14.82
CA ASN B 212 -4.14 -8.23 -16.07
C ASN B 212 -2.70 -8.74 -15.98
N GLN B 213 -2.41 -9.50 -14.93
CA GLN B 213 -1.10 -10.14 -14.71
C GLN B 213 0.09 -9.18 -14.83
N GLN B 214 -0.11 -7.92 -14.45
CA GLN B 214 0.94 -6.91 -14.52
C GLN B 214 1.40 -6.48 -13.10
N HIS B 215 2.70 -6.19 -12.95
CA HIS B 215 3.24 -5.63 -11.71
C HIS B 215 3.33 -4.12 -11.87
N ILE B 216 2.96 -3.40 -10.82
CA ILE B 216 3.19 -1.94 -10.77
C ILE B 216 3.89 -1.56 -9.46
N VAL B 217 4.67 -0.50 -9.47
CA VAL B 217 5.46 -0.17 -8.29
C VAL B 217 4.87 1.00 -7.54
N VAL B 218 4.42 0.78 -6.31
CA VAL B 218 3.84 1.87 -5.52
C VAL B 218 4.76 2.34 -4.38
N PRO B 219 5.12 3.63 -4.41
CA PRO B 219 6.07 4.13 -3.41
C PRO B 219 5.39 4.15 -2.04
N LEU B 220 6.17 3.88 -1.00
CA LEU B 220 5.69 3.85 0.37
C LEU B 220 6.65 4.65 1.22
N GLU B 221 6.15 5.13 2.36
CA GLU B 221 6.97 5.76 3.38
C GLU B 221 6.72 5.04 4.71
N LEU B 222 6.94 3.72 4.75
CA LEU B 222 6.73 2.93 5.97
C LEU B 222 7.63 3.36 7.10
N GLY B 223 8.85 3.79 6.75
CA GLY B 223 9.82 4.20 7.74
C GLY B 223 9.32 5.27 8.70
N SER B 224 8.43 6.14 8.24
CA SER B 224 8.00 7.29 9.06
C SER B 224 6.74 7.02 9.87
N GLN B 225 6.27 5.77 9.89
CA GLN B 225 5.11 5.42 10.71
C GLN B 225 5.50 5.31 12.16
N THR B 226 4.64 5.74 13.07
CA THR B 226 4.90 5.54 14.50
C THR B 226 5.02 4.04 14.83
N ILE B 227 6.08 3.68 15.54
CA ILE B 227 6.28 2.29 15.93
C ILE B 227 5.27 1.82 16.95
N PRO B 228 4.48 0.78 16.60
CA PRO B 228 3.61 0.11 17.58
C PRO B 228 4.48 -0.71 18.51
N MET B 229 4.04 -0.90 19.75
CA MET B 229 4.85 -1.64 20.72
C MET B 229 4.69 -3.17 20.65
N ARG B 230 5.61 -3.87 21.31
CA ARG B 230 5.37 -5.25 21.70
C ARG B 230 5.49 -5.26 23.22
N LYS B 231 6.64 -5.68 23.74
CA LYS B 231 6.87 -5.66 25.18
C LYS B 231 8.05 -4.76 25.47
N ASP B 232 8.17 -3.70 24.67
CA ASP B 232 9.37 -2.86 24.66
C ASP B 232 9.04 -1.40 24.98
N ILE B 233 8.00 -1.17 25.76
CA ILE B 233 7.56 0.20 26.04
C ILE B 233 8.70 1.06 26.61
N ASP B 234 9.44 0.53 27.57
CA ASP B 234 10.53 1.29 28.17
C ASP B 234 11.63 1.65 27.17
N TYR B 235 12.02 0.68 26.35
CA TYR B 235 13.04 0.92 25.34
C TYR B 235 12.60 2.01 24.37
N ILE B 236 11.32 2.00 24.01
CA ILE B 236 10.77 3.03 23.12
C ILE B 236 10.71 4.41 23.82
N GLN B 237 10.27 4.42 25.08
CA GLN B 237 10.22 5.66 25.88
C GLN B 237 11.60 6.28 25.99
N THR B 238 12.62 5.43 26.15
CA THR B 238 14.00 5.90 26.26
C THR B 238 14.43 6.68 25.02
N LEU B 239 14.12 6.15 23.83
CA LEU B 239 14.48 6.83 22.60
C LEU B 239 13.60 8.05 22.41
N HIS B 240 12.34 7.91 22.80
CA HIS B 240 11.38 9.01 22.73
C HIS B 240 11.94 10.21 23.50
N ALA B 241 12.51 9.96 24.67
CA ALA B 241 13.09 11.00 25.51
C ALA B 241 14.33 11.64 24.87
N GLU B 242 15.17 10.82 24.23
CA GLU B 242 16.34 11.32 23.50
C GLU B 242 15.96 12.19 22.30
N LEU B 243 15.05 11.67 21.49
CA LEU B 243 14.64 12.35 20.26
C LEU B 243 13.68 13.51 20.52
N LYS B 244 12.92 13.42 21.61
CA LYS B 244 11.82 14.35 21.89
C LYS B 244 10.73 14.27 20.82
N LEU B 245 10.62 13.09 20.21
CA LEU B 245 9.62 12.77 19.20
C LEU B 245 9.22 11.30 19.38
N LEU B 246 7.92 11.01 19.29
CA LEU B 246 7.46 9.61 19.28
C LEU B 246 8.20 8.87 18.19
N PRO B 247 8.92 7.82 18.56
CA PRO B 247 9.77 7.10 17.59
C PRO B 247 9.00 6.45 16.45
N ASN B 248 9.58 6.51 15.25
CA ASN B 248 9.11 5.79 14.09
C ASN B 248 10.09 4.67 13.74
N TYR B 249 9.70 3.81 12.80
CA TYR B 249 10.53 2.64 12.47
C TYR B 249 11.93 3.05 12.05
N GLU B 250 12.04 4.15 11.32
CA GLU B 250 13.34 4.60 10.84
C GLU B 250 14.26 5.00 12.00
N ASN B 251 13.69 5.59 13.06
CA ASN B 251 14.46 5.94 14.26
C ASN B 251 15.12 4.71 14.88
N MET B 252 14.45 3.57 14.80
CA MET B 252 15.01 2.34 15.33
C MET B 252 15.82 1.61 14.26
N VAL B 253 15.48 1.84 12.99
CA VAL B 253 16.12 1.11 11.91
C VAL B 253 16.79 2.06 10.94
N SER B 254 18.00 2.49 11.30
CA SER B 254 18.82 3.40 10.51
C SER B 254 20.22 3.42 11.13
N GLY B 255 21.10 4.30 10.63
CA GLY B 255 22.39 4.49 11.25
C GLY B 255 22.24 4.97 12.68
N ALA B 256 21.52 6.08 12.84
CA ALA B 256 21.21 6.64 14.16
C ALA B 256 20.59 5.57 15.05
N GLY B 257 19.77 4.71 14.46
CA GLY B 257 19.12 3.65 15.21
C GLY B 257 20.12 2.68 15.80
N LEU B 258 21.02 2.18 14.95
CA LEU B 258 22.03 1.22 15.38
C LEU B 258 22.91 1.81 16.51
N GLU B 259 23.33 3.05 16.32
CA GLU B 259 24.14 3.74 17.33
C GLU B 259 23.41 3.77 18.66
N PHE B 260 22.13 4.13 18.64
CA PHE B 260 21.30 4.06 19.83
C PHE B 260 21.28 2.68 20.48
N HIS B 261 21.07 1.62 19.69
CA HIS B 261 21.05 0.26 20.24
C HIS B 261 22.36 -0.13 20.93
N TYR B 262 23.47 0.22 20.30
CA TYR B 262 24.78 -0.09 20.85
C TYR B 262 25.01 0.64 22.17
N ARG B 263 24.51 1.86 22.28
CA ARG B 263 24.66 2.66 23.49
C ARG B 263 23.85 2.09 24.63
N GLN B 264 22.64 1.63 24.32
CA GLN B 264 21.78 1.04 25.35
C GLN B 264 22.31 -0.32 25.80
N VAL B 265 23.19 -0.89 25.00
CA VAL B 265 23.81 -2.18 25.33
C VAL B 265 24.99 -1.99 26.29
N VAL B 266 25.90 -1.09 25.94
CA VAL B 266 27.11 -0.86 26.72
C VAL B 266 26.89 -0.02 27.99
N ARG B 267 25.87 0.84 27.98
CA ARG B 267 25.55 1.71 29.11
C ARG B 267 26.76 2.51 29.60
N GLY B 268 27.47 3.14 28.67
CA GLY B 268 28.66 3.90 29.01
C GLY B 268 29.85 3.11 29.55
N SER B 269 29.81 1.78 29.40
CA SER B 269 30.94 0.96 29.82
C SER B 269 32.01 0.87 28.72
N ARG B 270 31.60 1.03 27.47
CA ARG B 270 32.52 1.13 26.35
C ARG B 270 32.30 2.47 25.65
N PRO B 271 33.22 2.87 24.76
CA PRO B 271 32.99 4.11 23.99
C PRO B 271 31.85 3.98 22.97
N PRO B 272 31.13 5.09 22.70
CA PRO B 272 30.10 5.18 21.66
C PRO B 272 30.69 5.03 20.26
N CYS B 273 30.08 4.19 19.42
CA CYS B 273 30.60 3.91 18.09
C CYS B 273 29.62 4.28 16.99
N SER B 274 30.14 4.65 15.83
CA SER B 274 29.31 5.00 14.69
C SER B 274 28.66 3.74 14.14
N ALA B 275 27.67 3.91 13.26
CA ALA B 275 26.98 2.78 12.66
C ALA B 275 27.95 1.85 11.92
N GLY B 276 28.77 2.43 11.05
CA GLY B 276 29.76 1.65 10.33
C GLY B 276 30.71 0.92 11.27
N GLU B 277 31.17 1.63 12.30
CA GLU B 277 32.02 1.02 13.33
C GLU B 277 31.33 -0.19 13.97
N ILE B 278 30.05 -0.01 14.32
CA ILE B 278 29.27 -1.06 14.96
C ILE B 278 29.13 -2.25 14.02
N ALA B 279 28.84 -1.97 12.76
CA ALA B 279 28.70 -3.01 11.75
C ALA B 279 29.98 -3.84 11.61
N LYS B 280 31.12 -3.15 11.51
CA LYS B 280 32.42 -3.82 11.36
C LYS B 280 32.74 -4.71 12.57
N LEU B 281 32.63 -4.12 13.76
CA LEU B 281 32.82 -4.85 15.02
C LEU B 281 32.00 -6.14 15.09
N ALA B 282 30.75 -6.07 14.67
CA ALA B 282 29.87 -7.24 14.69
C ALA B 282 30.38 -8.35 13.76
N SER B 283 30.83 -7.96 12.56
CA SER B 283 31.39 -8.90 11.61
C SER B 283 32.64 -9.59 12.16
N GLU B 284 33.39 -8.88 12.99
CA GLU B 284 34.57 -9.46 13.61
C GLU B 284 34.19 -10.38 14.77
N GLY B 285 33.02 -10.15 15.37
CA GLY B 285 32.50 -11.07 16.38
C GLY B 285 32.23 -10.45 17.73
N ASP B 286 32.36 -9.14 17.84
CA ASP B 286 32.13 -8.43 19.10
C ASP B 286 30.72 -8.64 19.66
N ALA B 287 30.63 -9.04 20.93
CA ALA B 287 29.35 -9.39 21.54
C ALA B 287 28.38 -8.22 21.73
N ASN B 288 28.91 -7.03 22.04
CA ASN B 288 28.05 -5.87 22.24
C ASN B 288 27.49 -5.37 20.91
N ALA B 289 28.36 -5.28 19.90
CA ALA B 289 27.95 -4.84 18.57
C ALA B 289 26.93 -5.82 17.99
N CYS B 290 27.22 -7.12 18.12
CA CYS B 290 26.27 -8.15 17.70
C CYS B 290 24.91 -7.97 18.35
N LYS B 291 24.90 -7.71 19.65
CA LYS B 291 23.66 -7.45 20.37
C LYS B 291 22.93 -6.22 19.80
N ALA B 292 23.71 -5.23 19.38
CA ALA B 292 23.11 -4.04 18.78
C ALA B 292 22.45 -4.39 17.45
N MET B 293 23.11 -5.23 16.66
CA MET B 293 22.57 -5.53 15.32
C MET B 293 21.30 -6.40 15.41
N LYS B 294 21.27 -7.31 16.39
CA LYS B 294 20.07 -8.09 16.65
C LYS B 294 18.89 -7.18 17.02
N LYS B 295 19.16 -6.17 17.84
CA LYS B 295 18.19 -5.18 18.24
C LYS B 295 17.64 -4.45 17.02
N TYR B 296 18.56 -4.02 16.15
CA TYR B 296 18.20 -3.32 14.92
C TYR B 296 17.31 -4.21 14.06
N HIS B 297 17.68 -5.48 13.94
CA HIS B 297 16.91 -6.40 13.09
C HIS B 297 15.58 -6.81 13.70
N GLU B 298 15.52 -6.78 15.03
CA GLU B 298 14.25 -6.95 15.73
C GLU B 298 13.23 -5.89 15.30
N TYR B 299 13.66 -4.64 15.19
CA TYR B 299 12.75 -3.59 14.74
C TYR B 299 12.51 -3.64 13.24
N LEU B 300 13.49 -4.09 12.46
CA LEU B 300 13.25 -4.27 11.04
C LEU B 300 12.18 -5.33 10.81
N MET B 301 12.25 -6.38 11.61
CA MET B 301 11.25 -7.45 11.51
C MET B 301 9.84 -7.00 11.94
N ARG B 302 9.75 -5.93 12.74
CA ARG B 302 8.43 -5.42 13.10
C ARG B 302 7.81 -4.62 11.95
N VAL B 303 8.66 -3.93 11.19
CA VAL B 303 8.21 -3.26 9.97
C VAL B 303 7.58 -4.31 9.06
N GLY B 304 8.28 -5.44 8.95
CA GLY B 304 7.84 -6.55 8.13
C GLY B 304 6.58 -7.25 8.61
N SER B 305 6.44 -7.50 9.91
CA SER B 305 5.25 -8.22 10.38
C SER B 305 4.02 -7.34 10.28
N GLU B 306 4.20 -6.05 10.54
CA GLU B 306 3.06 -5.15 10.47
C GLU B 306 2.68 -4.91 9.02
N ALA B 307 3.66 -4.72 8.15
CA ALA B 307 3.37 -4.55 6.73
C ALA B 307 2.88 -5.85 6.11
N SER B 308 3.33 -7.00 6.63
CA SER B 308 2.82 -8.29 6.16
C SER B 308 1.31 -8.36 6.32
N MET B 309 0.81 -7.81 7.43
CA MET B 309 -0.62 -7.78 7.63
C MET B 309 -1.25 -6.71 6.75
N ALA B 310 -0.76 -5.48 6.84
CA ALA B 310 -1.39 -4.37 6.11
C ALA B 310 -1.43 -4.54 4.59
N LEU B 311 -0.36 -5.07 4.01
CA LEU B 311 -0.24 -5.09 2.55
C LEU B 311 -0.34 -6.47 1.92
N LEU B 312 -0.45 -7.50 2.75
CA LEU B 312 -0.58 -8.88 2.29
C LEU B 312 0.37 -9.26 1.16
N PRO B 313 1.69 -9.11 1.37
CA PRO B 313 2.63 -9.38 0.28
C PRO B 313 2.89 -10.88 0.09
N LEU B 314 3.21 -11.31 -1.13
CA LEU B 314 3.69 -12.68 -1.35
C LEU B 314 5.15 -12.81 -0.86
N THR B 315 5.93 -11.75 -1.10
CA THR B 315 7.35 -11.74 -0.71
C THR B 315 7.75 -10.42 -0.04
N ILE B 316 8.83 -10.50 0.74
CA ILE B 316 9.52 -9.33 1.25
C ILE B 316 11.00 -9.47 0.89
N VAL B 317 11.54 -8.45 0.24
CA VAL B 317 12.92 -8.50 -0.24
C VAL B 317 13.71 -7.35 0.39
N LEU B 318 14.78 -7.72 1.10
CA LEU B 318 15.67 -6.75 1.73
C LEU B 318 16.77 -6.42 0.72
N VAL B 319 16.91 -5.16 0.33
CA VAL B 319 17.84 -4.79 -0.73
C VAL B 319 18.83 -3.71 -0.26
N GLY B 320 19.94 -3.56 -1.01
CA GLY B 320 20.89 -2.48 -0.75
C GLY B 320 22.28 -2.98 -0.42
N ASP B 321 23.29 -2.11 -0.56
CA ASP B 321 24.67 -2.49 -0.25
C ASP B 321 24.86 -2.98 1.19
N ASN B 322 24.24 -2.27 2.15
CA ASN B 322 24.24 -2.70 3.55
C ASN B 322 23.87 -4.17 3.69
N ILE B 323 22.79 -4.56 3.02
CA ILE B 323 22.28 -5.92 3.10
C ILE B 323 23.26 -6.97 2.56
N VAL B 324 23.88 -6.67 1.42
CA VAL B 324 24.87 -7.59 0.87
C VAL B 324 26.09 -7.67 1.78
N ASN B 325 26.54 -6.51 2.26
CA ASN B 325 27.77 -6.43 3.04
C ASN B 325 27.62 -7.00 4.43
N ASN B 326 26.40 -7.01 4.96
CA ASN B 326 26.14 -7.66 6.23
C ASN B 326 25.57 -9.07 6.05
N ALA B 327 25.95 -9.71 4.93
CA ALA B 327 25.56 -11.10 4.67
C ALA B 327 25.90 -12.02 5.84
N PHE B 328 27.03 -11.76 6.49
CA PHE B 328 27.47 -12.58 7.61
C PHE B 328 26.40 -12.68 8.68
N PHE B 329 25.65 -11.59 8.87
CA PHE B 329 24.65 -11.55 9.92
C PHE B 329 23.49 -12.49 9.62
N TYR B 330 23.10 -12.55 8.36
CA TYR B 330 21.92 -13.32 7.96
C TYR B 330 22.24 -14.78 7.76
N ARG B 331 23.51 -15.08 7.50
CA ARG B 331 23.94 -16.45 7.28
C ARG B 331 24.01 -17.23 8.59
N ASN B 332 24.23 -16.53 9.69
CA ASN B 332 24.22 -17.19 11.00
C ASN B 332 22.84 -17.76 11.31
N PRO B 333 22.73 -19.10 11.37
CA PRO B 333 21.43 -19.76 11.55
C PRO B 333 20.71 -19.27 12.80
N GLN B 334 21.46 -18.88 13.83
CA GLN B 334 20.87 -18.38 15.06
C GLN B 334 20.23 -17.01 14.88
N ASN B 335 20.96 -16.08 14.27
CA ASN B 335 20.41 -14.75 13.98
C ASN B 335 19.17 -14.84 13.12
N LEU B 336 19.21 -15.72 12.12
CA LEU B 336 18.11 -15.89 11.17
C LEU B 336 16.87 -16.46 11.87
N LYS B 337 17.10 -17.46 12.72
CA LYS B 337 16.02 -18.03 13.51
C LYS B 337 15.35 -16.95 14.37
N GLU B 338 16.16 -16.07 14.95
CA GLU B 338 15.63 -14.98 15.78
C GLU B 338 14.85 -13.94 14.95
N MET B 339 15.36 -13.66 13.76
CA MET B 339 14.67 -12.76 12.84
C MET B 339 13.32 -13.34 12.44
N HIS B 340 13.33 -14.59 12.00
CA HIS B 340 12.11 -15.32 11.69
C HIS B 340 11.11 -15.27 12.83
N ARG B 341 11.58 -15.59 14.03
CA ARG B 341 10.71 -15.53 15.20
C ARG B 341 10.04 -14.16 15.34
N GLU B 342 10.81 -13.10 15.16
CA GLU B 342 10.29 -11.74 15.30
C GLU B 342 9.38 -11.33 14.12
N ALA B 343 9.68 -11.82 12.92
CA ALA B 343 8.78 -11.61 11.79
C ALA B 343 7.39 -12.20 12.03
N LEU B 344 7.30 -13.23 12.88
CA LEU B 344 6.01 -13.84 13.19
C LEU B 344 5.44 -13.32 14.50
N ASN B 345 6.12 -12.37 15.13
CA ASN B 345 5.67 -11.77 16.39
C ASN B 345 4.58 -10.74 16.15
N HIS B 346 3.37 -11.21 15.83
CA HIS B 346 2.26 -10.32 15.53
C HIS B 346 1.00 -11.06 15.92
N GLU B 347 0.01 -10.34 16.45
CA GLU B 347 -1.17 -11.03 16.95
C GLU B 347 -1.90 -11.74 15.82
N MET B 348 -1.73 -11.27 14.58
CA MET B 348 -2.45 -11.88 13.45
C MET B 348 -1.82 -13.19 12.99
N GLU B 349 -0.63 -13.50 13.50
CA GLU B 349 0.02 -14.78 13.16
C GLU B 349 -0.80 -15.98 13.68
N ARG B 350 -1.70 -15.74 14.63
CA ARG B 350 -2.59 -16.81 15.07
C ARG B 350 -3.44 -17.28 13.90
N PHE B 351 -3.52 -16.47 12.86
CA PHE B 351 -4.22 -16.85 11.64
C PHE B 351 -3.24 -17.20 10.50
N GLY B 352 -1.95 -17.19 10.80
CA GLY B 352 -0.95 -17.50 9.79
C GLY B 352 -0.58 -16.39 8.81
N PHE B 353 -1.07 -15.16 9.04
CA PHE B 353 -0.71 -14.05 8.13
C PHE B 353 0.77 -13.78 7.97
N GLN B 354 1.54 -13.77 9.06
CA GLN B 354 2.96 -13.44 8.92
C GLN B 354 3.73 -14.61 8.26
N SER B 355 3.27 -15.84 8.54
CA SER B 355 3.86 -17.07 7.98
C SER B 355 3.64 -17.23 6.47
N ARG B 356 2.64 -16.52 5.92
CA ARG B 356 2.36 -16.55 4.48
C ARG B 356 3.55 -16.07 3.66
N VAL B 357 4.35 -15.19 4.24
CA VAL B 357 5.27 -14.35 3.47
C VAL B 357 6.67 -14.95 3.32
N THR B 358 7.18 -14.93 2.09
CA THR B 358 8.56 -15.38 1.84
C THR B 358 9.50 -14.19 1.95
N TYR B 359 10.49 -14.32 2.83
CA TYR B 359 11.51 -13.27 3.00
C TYR B 359 12.76 -13.59 2.18
N LEU B 360 13.28 -12.59 1.48
CA LEU B 360 14.50 -12.76 0.71
C LEU B 360 15.45 -11.60 1.00
N ARG B 361 16.74 -11.81 0.72
CA ARG B 361 17.72 -10.75 0.85
C ARG B 361 18.61 -10.68 -0.38
N GLN B 362 19.04 -9.48 -0.74
CA GLN B 362 20.04 -9.30 -1.78
C GLN B 362 21.34 -9.92 -1.25
N LYS B 363 21.98 -10.76 -2.07
CA LYS B 363 23.23 -11.41 -1.64
C LYS B 363 24.41 -11.05 -2.53
N LYS B 364 24.17 -10.23 -3.54
CA LYS B 364 25.22 -9.79 -4.46
C LYS B 364 24.97 -8.33 -4.84
N LEU B 365 26.04 -7.54 -4.90
CA LEU B 365 25.94 -6.13 -5.23
C LEU B 365 25.27 -5.90 -6.60
N LEU B 366 24.49 -4.83 -6.67
CA LEU B 366 23.83 -4.43 -7.91
C LEU B 366 23.09 -3.13 -7.66
N ASN B 367 23.31 -2.14 -8.53
CA ASN B 367 22.55 -0.91 -8.45
C ASN B 367 21.16 -1.13 -9.06
N LEU B 368 20.25 -1.62 -8.22
CA LEU B 368 18.85 -1.80 -8.61
C LEU B 368 18.25 -0.51 -9.15
N ASN B 369 18.68 0.62 -8.60
CA ASN B 369 18.07 1.91 -8.98
C ASN B 369 18.32 2.31 -10.44
N LEU B 370 19.54 2.08 -10.92
CA LEU B 370 19.86 2.39 -12.32
C LEU B 370 19.07 1.46 -13.23
N MET B 371 19.06 0.18 -12.84
CA MET B 371 18.32 -0.83 -13.57
C MET B 371 16.83 -0.51 -13.55
N GLY B 372 16.36 -0.03 -12.39
CA GLY B 372 14.99 0.42 -12.25
C GLY B 372 14.60 1.60 -13.14
N CYS B 373 15.48 2.58 -13.27
CA CYS B 373 15.18 3.73 -14.14
C CYS B 373 14.97 3.30 -15.58
N TYR B 374 15.81 2.38 -16.02
CA TYR B 374 15.70 1.82 -17.37
C TYR B 374 14.40 1.04 -17.54
N ARG B 375 14.12 0.15 -16.60
CA ARG B 375 12.93 -0.69 -16.67
C ARG B 375 11.66 0.17 -16.67
N CYS B 376 11.68 1.24 -15.87
CA CYS B 376 10.58 2.20 -15.87
C CYS B 376 10.41 2.80 -17.26
N GLY B 377 11.53 3.28 -17.81
CA GLY B 377 11.58 3.78 -19.17
C GLY B 377 10.91 2.90 -20.20
N LEU B 378 11.08 1.59 -20.09
CA LEU B 378 10.49 0.66 -21.06
C LEU B 378 8.96 0.67 -21.02
N ASP B 379 8.38 0.90 -19.84
CA ASP B 379 6.93 1.10 -19.72
C ASP B 379 6.51 2.45 -20.29
N LEU B 380 7.47 3.36 -20.51
CA LEU B 380 7.18 4.72 -20.97
C LEU B 380 7.35 4.92 -22.48
N SER B 381 7.92 3.92 -23.14
CA SER B 381 8.18 4.04 -24.57
C SER B 381 7.18 3.22 -25.38
#